data_9JXR
#
_entry.id   9JXR
#
_entity_poly.entity_id   1
_entity_poly.type   'polypeptide(L)'
_entity_poly.pdbx_seq_one_letter_code
;MKFAEHLTAHITPEWRKQYINYEEMKAMLYAAIEQSPSAELVEREMVTRYFAKFDEEFFHYCDKELAKINTFYSEKMAEA
TRKYGSLRSELTEALEMGHPKKLPAWKRRTPLGKKNVPARKIQDLKLAFSEFYLGLILLQNYQNLNFTGFRKILKKHDKL
LSVDYGARWRTDHVEAAHFYTNKDIDRLIQETEQAVTQDIEGGDRQRAMKRLRVPPLGEQQSPWTTFKVGLFSGAFVVLF
ITVVIAAMFYGFGENWRAGMRMFRAPFLIIECLFLWGVNVYGWRSSGVNHVLIFELDPRNHLSEQNIMEVASVFGVIWAC
CVLSYIFCDPLGIPQYAAPLCLYTLMAAFLLNPTKTFHHEARFWAIRILIRVIMAPFCFVNFADFWLADQLNSMVPAFLD
IPFLICFFGRSPTWHKAGKAASHCVEYVSLLHPIVAIMPAYFRFAQCIRRYRDTKESFPHLVNAAKYATSFFVVIFAHKY
HTTTDTYPLSKENPWFYCWITAAIFSSCYAYTWDIKMDWGLFDSKAGDNRFLREEIVYSSTWFYYFGIIEDLILRFSWTL
SMSLIEAGYIEGDVMMTILSPLEVFRRFIWNYFRLENEHLNNVAKFRAVRDISVAPMDCSDQTTILRMMDETDGVLNRRR
GKAAGGKSATKKNKQEQRLLLQGESIEDLCS
;
_entity_poly.pdbx_strand_id   A,B
#
# COMPACT_ATOMS: atom_id res chain seq x y z
N PRO A 223 -3.53 4.42 15.40
CA PRO A 223 -3.04 3.06 15.41
C PRO A 223 -3.63 2.28 14.22
N TRP A 224 -4.90 1.80 14.27
CA TRP A 224 -5.57 1.07 13.25
C TRP A 224 -5.86 1.97 12.15
N THR A 225 -6.24 3.19 12.47
CA THR A 225 -6.46 4.18 11.40
C THR A 225 -5.20 4.40 10.76
N THR A 226 -4.10 4.67 11.37
CA THR A 226 -2.82 4.96 10.71
C THR A 226 -2.42 3.83 9.81
N PHE A 227 -2.77 2.65 10.19
CA PHE A 227 -2.28 1.46 9.54
C PHE A 227 -3.07 1.40 8.21
N LYS A 228 -4.38 1.50 8.30
CA LYS A 228 -5.23 1.77 7.12
C LYS A 228 -4.79 2.83 6.20
N VAL A 229 -4.25 3.90 6.74
CA VAL A 229 -4.02 5.02 5.88
C VAL A 229 -2.76 4.47 5.08
N GLY A 230 -1.83 3.72 5.73
CA GLY A 230 -0.70 3.34 4.98
C GLY A 230 -1.07 2.20 4.02
N LEU A 231 -1.98 1.27 4.37
CA LEU A 231 -2.37 0.27 3.33
C LEU A 231 -2.91 0.95 2.12
N PHE A 232 -3.78 1.90 2.32
CA PHE A 232 -4.44 2.53 1.11
C PHE A 232 -3.44 3.47 0.37
N SER A 233 -2.58 4.09 1.10
CA SER A 233 -1.49 4.80 0.37
C SER A 233 -0.65 4.01 -0.49
N GLY A 234 -0.15 2.82 0.03
CA GLY A 234 0.63 1.97 -0.82
C GLY A 234 -0.16 1.41 -2.01
N ALA A 235 -1.48 1.10 -1.78
CA ALA A 235 -2.27 0.62 -2.82
C ALA A 235 -2.50 1.71 -3.90
N PHE A 236 -2.66 2.94 -3.46
CA PHE A 236 -2.81 4.03 -4.35
C PHE A 236 -1.53 4.21 -5.23
N VAL A 237 -0.39 4.13 -4.61
CA VAL A 237 0.85 4.35 -5.40
C VAL A 237 0.98 3.20 -6.43
N VAL A 238 0.78 1.95 -6.07
CA VAL A 238 1.03 0.86 -6.96
C VAL A 238 -0.04 0.94 -8.07
N LEU A 239 -1.37 1.15 -7.65
CA LEU A 239 -2.32 1.29 -8.65
C LEU A 239 -2.21 2.47 -9.65
N PHE A 240 -1.71 3.58 -9.19
CA PHE A 240 -1.52 4.74 -10.02
C PHE A 240 -0.33 4.35 -11.03
N ILE A 241 0.71 3.66 -10.60
CA ILE A 241 1.78 3.21 -11.53
C ILE A 241 1.15 2.32 -12.54
N THR A 242 0.22 1.37 -12.15
CA THR A 242 -0.30 0.40 -13.05
C THR A 242 -1.27 1.14 -14.08
N VAL A 243 -2.05 2.06 -13.56
CA VAL A 243 -2.71 3.03 -14.48
C VAL A 243 -1.86 3.65 -15.55
N VAL A 244 -0.77 4.27 -15.14
CA VAL A 244 -0.01 4.95 -16.15
C VAL A 244 0.54 3.97 -17.16
N ILE A 245 1.11 2.83 -16.66
CA ILE A 245 1.53 1.74 -17.60
C ILE A 245 0.38 1.36 -18.57
N ALA A 246 -0.75 1.07 -18.04
CA ALA A 246 -1.90 0.61 -18.84
C ALA A 246 -2.23 1.57 -19.86
N ALA A 247 -2.30 2.88 -19.46
CA ALA A 247 -2.58 4.00 -20.44
C ALA A 247 -1.54 4.08 -21.49
N MET A 248 -0.23 4.05 -21.14
CA MET A 248 0.87 4.08 -22.18
C MET A 248 0.77 2.92 -23.11
N PHE A 249 0.61 1.63 -22.63
CA PHE A 249 0.73 0.60 -23.60
C PHE A 249 -0.62 0.14 -24.06
N TYR A 250 -1.69 -0.10 -23.17
CA TYR A 250 -2.74 -0.97 -23.57
C TYR A 250 -3.69 0.08 -24.34
N GLY A 251 -3.61 1.42 -23.92
CA GLY A 251 -4.44 2.44 -24.49
C GLY A 251 -5.68 2.84 -23.68
N PHE A 252 -6.29 4.02 -23.84
CA PHE A 252 -7.02 4.59 -22.77
C PHE A 252 -8.44 4.49 -23.24
N GLY A 253 -8.71 3.85 -24.44
CA GLY A 253 -9.98 3.66 -25.07
C GLY A 253 -10.08 4.34 -26.38
N GLU A 254 -11.32 4.35 -26.97
CA GLU A 254 -11.54 4.93 -28.26
C GLU A 254 -11.32 6.47 -28.23
N ASN A 255 -11.83 7.13 -27.16
CA ASN A 255 -11.69 8.62 -27.01
C ASN A 255 -10.87 8.76 -25.69
N TRP A 256 -9.61 8.77 -25.87
CA TRP A 256 -8.67 9.05 -24.77
C TRP A 256 -8.90 10.42 -24.21
N ARG A 257 -9.44 11.31 -25.01
CA ARG A 257 -9.47 12.69 -24.62
C ARG A 257 -10.59 12.75 -23.69
N ALA A 258 -11.69 12.14 -24.04
CA ALA A 258 -12.84 12.06 -23.18
C ALA A 258 -12.59 11.45 -21.84
N GLY A 259 -11.82 10.44 -21.80
CA GLY A 259 -11.34 9.77 -20.63
C GLY A 259 -10.57 10.70 -19.66
N MET A 260 -9.68 11.39 -20.30
CA MET A 260 -8.79 12.28 -19.52
C MET A 260 -9.56 13.37 -18.88
N ARG A 261 -10.42 14.05 -19.69
CA ARG A 261 -11.34 15.04 -19.18
C ARG A 261 -12.25 14.47 -18.11
N MET A 262 -12.72 13.17 -18.21
CA MET A 262 -13.62 12.65 -17.12
C MET A 262 -12.85 12.44 -15.84
N PHE A 263 -11.60 11.90 -15.96
CA PHE A 263 -10.82 11.52 -14.81
C PHE A 263 -9.90 12.53 -14.34
N ARG A 264 -9.75 13.70 -15.04
CA ARG A 264 -9.13 14.83 -14.27
C ARG A 264 -9.70 15.25 -12.95
N ALA A 265 -10.91 15.68 -12.91
CA ALA A 265 -11.46 16.30 -11.74
C ALA A 265 -11.42 15.45 -10.52
N PRO A 266 -11.82 14.20 -10.53
CA PRO A 266 -11.76 13.41 -9.32
C PRO A 266 -10.29 13.30 -8.77
N PHE A 267 -9.36 13.17 -9.63
CA PHE A 267 -7.92 13.11 -9.24
C PHE A 267 -7.50 14.37 -8.44
N LEU A 268 -7.88 15.53 -8.93
CA LEU A 268 -7.44 16.75 -8.30
C LEU A 268 -8.23 16.93 -7.06
N ILE A 269 -9.53 16.51 -6.93
CA ILE A 269 -10.22 16.58 -5.68
C ILE A 269 -9.53 15.68 -4.62
N ILE A 270 -9.18 14.51 -5.12
CA ILE A 270 -8.55 13.56 -4.16
C ILE A 270 -7.24 14.10 -3.67
N GLU A 271 -6.55 14.64 -4.61
CA GLU A 271 -5.23 15.22 -4.26
C GLU A 271 -5.38 16.30 -3.25
N CYS A 272 -6.34 17.18 -3.47
CA CYS A 272 -6.68 18.24 -2.56
C CYS A 272 -7.08 17.80 -1.18
N LEU A 273 -7.93 16.80 -1.11
CA LEU A 273 -8.12 16.01 0.16
C LEU A 273 -6.98 15.55 0.94
N PHE A 274 -6.14 14.83 0.14
CA PHE A 274 -5.01 14.20 0.80
C PHE A 274 -3.97 15.29 1.29
N LEU A 275 -3.84 16.27 0.44
CA LEU A 275 -2.92 17.41 0.79
C LEU A 275 -3.50 18.25 1.96
N TRP A 276 -4.76 18.37 2.11
CA TRP A 276 -5.26 19.17 3.23
C TRP A 276 -5.02 18.30 4.43
N GLY A 277 -5.16 16.96 4.32
CA GLY A 277 -4.90 16.12 5.46
C GLY A 277 -3.45 16.23 5.98
N VAL A 278 -2.45 16.23 5.02
CA VAL A 278 -1.07 16.40 5.35
C VAL A 278 -0.82 17.75 5.95
N ASN A 279 -1.47 18.79 5.36
CA ASN A 279 -1.51 20.09 5.96
C ASN A 279 -2.02 20.30 7.28
N VAL A 280 -3.15 19.70 7.56
CA VAL A 280 -3.62 19.53 8.97
C VAL A 280 -2.67 18.94 9.95
N TYR A 281 -2.21 17.75 9.61
CA TYR A 281 -1.00 17.28 10.33
C TYR A 281 0.12 18.29 10.65
N GLY A 282 0.58 18.95 9.65
CA GLY A 282 1.58 19.93 9.81
C GLY A 282 1.16 21.07 10.76
N TRP A 283 -0.04 21.57 10.58
CA TRP A 283 -0.64 22.64 11.54
C TRP A 283 -0.75 22.23 13.03
N ARG A 284 -1.30 21.08 13.28
CA ARG A 284 -1.09 20.42 14.54
C ARG A 284 0.35 20.22 15.05
N SER A 285 1.25 19.71 14.29
CA SER A 285 2.58 19.52 14.74
C SER A 285 3.25 20.86 15.13
N SER A 286 3.07 21.86 14.33
CA SER A 286 3.47 23.17 14.65
C SER A 286 2.48 23.85 15.69
N GLY A 287 2.90 24.91 16.29
CA GLY A 287 2.10 25.60 17.24
C GLY A 287 1.14 26.61 16.60
N VAL A 288 0.38 26.09 15.72
CA VAL A 288 -0.79 26.76 15.03
C VAL A 288 -2.09 26.39 15.51
N ASN A 289 -3.00 27.33 15.86
CA ASN A 289 -4.31 27.11 16.28
C ASN A 289 -5.18 26.94 14.97
N HIS A 290 -5.15 25.79 14.41
CA HIS A 290 -6.16 25.37 13.37
C HIS A 290 -7.66 25.61 13.71
N VAL A 291 -7.96 25.29 14.94
CA VAL A 291 -9.30 25.59 15.51
C VAL A 291 -9.75 27.08 15.40
N LEU A 292 -8.94 27.98 15.87
CA LEU A 292 -9.37 29.33 15.96
C LEU A 292 -9.64 30.08 14.70
N ILE A 293 -8.70 29.80 13.77
CA ILE A 293 -8.58 30.74 12.62
C ILE A 293 -9.87 30.30 11.70
N PHE A 294 -10.02 28.97 11.45
CA PHE A 294 -11.23 28.33 10.79
C PHE A 294 -12.57 28.48 11.34
N GLU A 295 -12.72 28.94 12.53
CA GLU A 295 -13.89 29.09 13.27
C GLU A 295 -14.59 27.76 13.43
N LEU A 296 -13.93 26.72 13.89
CA LEU A 296 -14.58 25.45 14.16
C LEU A 296 -14.68 25.23 15.59
N ASP A 297 -15.76 24.61 15.95
CA ASP A 297 -16.08 24.38 17.37
C ASP A 297 -14.92 23.59 17.85
N PRO A 298 -14.39 23.84 19.09
CA PRO A 298 -13.22 23.14 19.60
C PRO A 298 -13.59 21.70 19.53
N ARG A 299 -14.87 21.42 19.73
CA ARG A 299 -15.26 20.03 19.88
C ARG A 299 -15.03 19.12 18.71
N ASN A 300 -15.36 19.49 17.51
CA ASN A 300 -15.23 18.56 16.32
C ASN A 300 -14.13 19.00 15.41
N HIS A 301 -13.11 18.17 15.22
CA HIS A 301 -12.07 18.50 14.21
C HIS A 301 -11.78 17.25 13.41
N LEU A 302 -11.88 17.32 12.08
CA LEU A 302 -11.46 16.11 11.34
C LEU A 302 -10.02 16.09 11.72
N SER A 303 -9.50 14.87 11.86
CA SER A 303 -8.11 14.79 12.32
C SER A 303 -7.35 14.27 11.20
N GLU A 304 -6.05 14.61 11.14
CA GLU A 304 -5.18 14.38 10.04
C GLU A 304 -4.96 12.90 9.72
N GLN A 305 -5.53 11.92 10.54
CA GLN A 305 -5.70 10.55 10.04
C GLN A 305 -6.96 10.18 9.32
N ASN A 306 -8.13 10.62 9.87
CA ASN A 306 -9.37 10.61 9.14
C ASN A 306 -9.47 11.14 7.74
N ILE A 307 -8.98 12.39 7.53
CA ILE A 307 -8.96 12.97 6.26
C ILE A 307 -8.05 12.18 5.30
N MET A 308 -6.87 11.82 5.76
CA MET A 308 -5.97 11.01 5.01
C MET A 308 -6.37 9.55 4.64
N GLU A 309 -6.94 8.83 5.58
CA GLU A 309 -7.90 7.74 5.28
C GLU A 309 -8.95 8.01 4.10
N VAL A 310 -9.75 9.10 4.24
CA VAL A 310 -10.77 9.22 3.31
C VAL A 310 -10.23 9.39 1.95
N ALA A 311 -9.18 10.27 1.96
CA ALA A 311 -8.59 10.61 0.65
C ALA A 311 -7.98 9.36 -0.03
N SER A 312 -7.24 8.59 0.72
CA SER A 312 -6.68 7.30 0.22
C SER A 312 -7.62 6.26 -0.23
N VAL A 313 -8.65 6.03 0.55
CA VAL A 313 -9.75 5.21 0.14
C VAL A 313 -10.29 5.68 -1.25
N PHE A 314 -10.66 6.93 -1.34
CA PHE A 314 -11.07 7.51 -2.58
C PHE A 314 -10.17 7.40 -3.69
N GLY A 315 -8.85 7.52 -3.42
CA GLY A 315 -7.81 7.26 -4.44
C GLY A 315 -7.82 5.86 -4.94
N VAL A 316 -8.00 4.87 -4.02
CA VAL A 316 -7.94 3.46 -4.45
C VAL A 316 -9.21 3.28 -5.39
N ILE A 317 -10.33 3.84 -4.98
CA ILE A 317 -11.62 3.70 -5.73
C ILE A 317 -11.40 4.35 -7.16
N TRP A 318 -10.83 5.57 -7.18
CA TRP A 318 -10.48 6.15 -8.50
C TRP A 318 -9.64 5.32 -9.31
N ALA A 319 -8.57 4.77 -8.71
CA ALA A 319 -7.69 3.92 -9.57
C ALA A 319 -8.48 2.65 -10.15
N CYS A 320 -9.24 1.99 -9.29
CA CYS A 320 -10.06 0.90 -9.71
C CYS A 320 -11.03 1.32 -10.85
N CYS A 321 -11.57 2.47 -10.73
CA CYS A 321 -12.55 2.86 -11.84
C CYS A 321 -11.83 3.17 -13.11
N VAL A 322 -10.67 3.74 -12.89
CA VAL A 322 -9.80 3.94 -14.08
C VAL A 322 -9.41 2.60 -14.72
N LEU A 323 -9.01 1.68 -13.94
CA LEU A 323 -8.69 0.39 -14.50
C LEU A 323 -9.77 -0.34 -15.14
N SER A 324 -10.99 -0.24 -14.56
CA SER A 324 -12.26 -0.67 -15.26
C SER A 324 -12.52 -0.02 -16.56
N TYR A 325 -12.29 1.27 -16.63
CA TYR A 325 -12.22 2.04 -17.80
C TYR A 325 -11.35 1.46 -18.94
N ILE A 326 -10.07 1.30 -18.57
CA ILE A 326 -9.11 0.84 -19.60
C ILE A 326 -9.53 -0.52 -20.05
N PHE A 327 -9.95 -1.35 -19.10
CA PHE A 327 -10.17 -2.82 -19.38
C PHE A 327 -11.61 -3.12 -19.47
N CYS A 328 -12.39 -2.17 -20.03
CA CYS A 328 -13.86 -2.33 -20.14
C CYS A 328 -14.24 -3.63 -20.94
N ASP A 329 -13.55 -3.86 -22.03
CA ASP A 329 -13.99 -4.92 -22.96
C ASP A 329 -13.67 -6.29 -22.26
N PRO A 330 -12.44 -6.53 -21.68
CA PRO A 330 -12.28 -7.78 -20.99
C PRO A 330 -13.24 -8.12 -19.88
N LEU A 331 -13.63 -7.14 -19.12
CA LEU A 331 -14.55 -7.34 -17.97
C LEU A 331 -15.94 -7.49 -18.42
N GLY A 332 -16.24 -6.95 -19.64
CA GLY A 332 -17.61 -6.94 -20.17
C GLY A 332 -18.42 -5.78 -19.69
N ILE A 333 -17.83 -4.95 -18.85
CA ILE A 333 -18.61 -3.94 -18.24
C ILE A 333 -18.68 -2.91 -19.40
N PRO A 334 -19.71 -2.11 -19.46
CA PRO A 334 -19.64 -0.91 -20.34
C PRO A 334 -18.68 0.14 -20.01
N GLN A 335 -18.33 0.82 -21.12
CA GLN A 335 -17.06 1.60 -21.05
C GLN A 335 -17.21 2.77 -20.16
N TYR A 336 -18.34 3.44 -20.16
CA TYR A 336 -18.54 4.67 -19.35
C TYR A 336 -19.15 4.50 -18.05
N ALA A 337 -19.36 3.29 -17.62
CA ALA A 337 -19.95 3.02 -16.28
C ALA A 337 -19.01 3.34 -15.20
N ALA A 338 -17.75 2.98 -15.31
CA ALA A 338 -16.86 3.34 -14.17
C ALA A 338 -16.70 4.77 -13.75
N PRO A 339 -16.47 5.71 -14.63
CA PRO A 339 -16.46 7.14 -14.17
C PRO A 339 -17.80 7.57 -13.64
N LEU A 340 -18.91 7.02 -14.09
CA LEU A 340 -20.13 7.69 -13.75
C LEU A 340 -20.45 7.11 -12.38
N CYS A 341 -20.14 5.80 -12.12
CA CYS A 341 -20.02 5.25 -10.73
C CYS A 341 -19.15 6.00 -9.76
N LEU A 342 -18.04 6.50 -10.23
CA LEU A 342 -17.12 7.19 -9.40
C LEU A 342 -17.78 8.44 -8.91
N TYR A 343 -18.48 9.18 -9.87
CA TYR A 343 -19.02 10.44 -9.58
C TYR A 343 -20.18 10.21 -8.65
N THR A 344 -20.90 9.13 -8.87
CA THR A 344 -22.02 8.70 -7.93
C THR A 344 -21.62 8.47 -6.52
N LEU A 345 -20.58 7.70 -6.33
CA LEU A 345 -20.05 7.48 -5.04
C LEU A 345 -19.55 8.80 -4.42
N MET A 346 -18.80 9.63 -5.14
CA MET A 346 -18.43 10.85 -4.56
C MET A 346 -19.53 11.76 -4.10
N ALA A 347 -20.46 11.95 -4.99
CA ALA A 347 -21.63 12.80 -4.66
C ALA A 347 -22.42 12.22 -3.45
N ALA A 348 -22.63 10.89 -3.45
CA ALA A 348 -23.32 10.26 -2.30
C ALA A 348 -22.61 10.58 -1.03
N PHE A 349 -21.26 10.44 -1.02
CA PHE A 349 -20.43 10.71 0.21
C PHE A 349 -20.56 12.10 0.63
N LEU A 350 -20.41 13.03 -0.29
CA LEU A 350 -20.35 14.51 0.04
C LEU A 350 -21.69 15.02 0.44
N LEU A 351 -22.73 14.53 -0.21
CA LEU A 351 -23.99 15.18 -0.02
C LEU A 351 -24.90 14.17 0.77
N ASN A 352 -24.28 13.44 1.78
CA ASN A 352 -24.98 12.55 2.57
C ASN A 352 -25.90 13.10 3.67
N PRO A 353 -27.26 12.90 3.51
CA PRO A 353 -28.11 13.63 4.40
C PRO A 353 -28.25 12.91 5.83
N THR A 354 -27.55 11.81 5.99
CA THR A 354 -27.74 11.04 7.17
C THR A 354 -26.84 11.82 8.20
N LYS A 355 -26.96 11.30 9.46
CA LYS A 355 -26.03 11.65 10.55
C LYS A 355 -24.86 10.75 10.86
N THR A 356 -24.38 10.05 9.86
CA THR A 356 -23.34 8.99 10.07
C THR A 356 -22.03 9.66 10.15
N PHE A 357 -20.94 8.87 10.12
CA PHE A 357 -19.61 9.38 10.36
C PHE A 357 -19.23 10.57 9.55
N HIS A 358 -18.50 11.45 10.12
CA HIS A 358 -18.01 12.74 9.56
C HIS A 358 -19.09 13.62 9.13
N HIS A 359 -20.23 13.60 9.79
CA HIS A 359 -21.43 14.37 9.34
C HIS A 359 -21.18 15.89 9.44
N GLU A 360 -20.59 16.32 10.53
CA GLU A 360 -20.41 17.76 10.82
C GLU A 360 -19.42 18.38 9.88
N ALA A 361 -18.37 17.65 9.57
CA ALA A 361 -17.39 18.10 8.62
C ALA A 361 -18.13 18.37 7.34
N ARG A 362 -18.92 17.43 6.78
CA ARG A 362 -19.42 17.56 5.45
C ARG A 362 -20.33 18.73 5.46
N PHE A 363 -21.16 18.89 6.56
CA PHE A 363 -22.19 19.93 6.48
C PHE A 363 -21.45 21.37 6.57
N TRP A 364 -20.47 21.51 7.40
CA TRP A 364 -19.56 22.63 7.31
C TRP A 364 -18.94 22.83 5.91
N ALA A 365 -18.44 21.84 5.27
CA ALA A 365 -17.86 22.00 3.97
C ALA A 365 -18.94 22.50 2.95
N ILE A 366 -20.10 21.95 3.00
CA ILE A 366 -21.15 22.35 2.17
C ILE A 366 -21.52 23.84 2.43
N ARG A 367 -21.43 24.27 3.67
CA ARG A 367 -22.04 25.51 4.03
C ARG A 367 -20.98 26.60 3.58
N ILE A 368 -19.73 26.25 3.68
CA ILE A 368 -18.64 27.18 3.29
C ILE A 368 -18.61 27.24 1.79
N LEU A 369 -18.74 26.06 1.13
CA LEU A 369 -18.81 26.09 -0.38
C LEU A 369 -20.00 26.97 -0.87
N ILE A 370 -21.20 26.79 -0.24
CA ILE A 370 -22.30 27.70 -0.42
C ILE A 370 -21.99 29.24 -0.36
N ARG A 371 -21.32 29.57 0.79
CA ARG A 371 -20.95 30.90 0.99
C ARG A 371 -19.96 31.38 -0.12
N VAL A 372 -19.03 30.56 -0.44
CA VAL A 372 -18.18 30.78 -1.63
C VAL A 372 -18.87 31.08 -2.84
N ILE A 373 -19.86 30.31 -3.25
CA ILE A 373 -20.45 30.35 -4.56
C ILE A 373 -21.33 31.62 -4.61
N MET A 374 -21.94 31.91 -3.47
CA MET A 374 -22.61 33.24 -3.24
C MET A 374 -21.60 34.30 -2.70
N ALA A 375 -20.57 34.50 -3.40
CA ALA A 375 -19.45 35.34 -2.92
C ALA A 375 -19.93 36.83 -2.69
N PRO A 376 -20.62 37.53 -3.55
CA PRO A 376 -20.73 39.00 -3.26
C PRO A 376 -21.62 39.27 -2.08
N PHE A 377 -22.76 38.63 -2.05
CA PHE A 377 -23.77 38.95 -1.01
C PHE A 377 -23.43 38.40 0.39
N CYS A 378 -22.67 37.32 0.51
CA CYS A 378 -22.44 36.67 1.88
C CYS A 378 -21.25 37.34 2.47
N PHE A 379 -21.18 37.37 3.83
CA PHE A 379 -20.05 37.90 4.51
C PHE A 379 -18.86 37.04 4.31
N VAL A 380 -17.67 37.60 4.29
CA VAL A 380 -16.35 36.89 4.08
C VAL A 380 -15.78 36.53 5.50
N ASN A 381 -15.59 35.20 5.70
CA ASN A 381 -14.66 34.61 6.60
C ASN A 381 -13.41 34.06 6.18
N PHE A 382 -12.58 33.57 7.18
CA PHE A 382 -11.30 33.09 6.76
C PHE A 382 -11.42 31.77 6.07
N ALA A 383 -12.41 30.99 6.44
CA ALA A 383 -12.76 29.80 5.72
C ALA A 383 -13.05 30.11 4.29
N ASP A 384 -13.76 31.22 4.04
CA ASP A 384 -14.16 31.62 2.68
C ASP A 384 -13.02 32.00 1.89
N PHE A 385 -12.12 32.68 2.65
CA PHE A 385 -10.75 32.80 2.12
C PHE A 385 -10.09 31.59 1.53
N TRP A 386 -9.98 30.63 2.37
CA TRP A 386 -9.17 29.43 2.09
C TRP A 386 -9.75 28.64 0.99
N LEU A 387 -11.05 28.42 1.05
CA LEU A 387 -11.71 27.54 0.13
C LEU A 387 -11.87 28.16 -1.18
N ALA A 388 -12.14 29.49 -1.29
CA ALA A 388 -12.19 30.15 -2.53
C ALA A 388 -10.78 30.09 -3.24
N ASP A 389 -9.73 30.34 -2.48
CA ASP A 389 -8.36 30.11 -3.11
C ASP A 389 -8.03 28.73 -3.56
N GLN A 390 -8.37 27.72 -2.73
CA GLN A 390 -8.41 26.40 -3.16
C GLN A 390 -9.13 26.08 -4.40
N LEU A 391 -10.26 26.66 -4.59
CA LEU A 391 -11.10 26.36 -5.79
C LEU A 391 -10.38 26.99 -6.94
N ASN A 392 -9.68 28.16 -6.67
CA ASN A 392 -8.99 28.89 -7.83
C ASN A 392 -7.84 28.04 -8.16
N SER A 393 -7.18 27.39 -7.22
CA SER A 393 -6.23 26.34 -7.67
C SER A 393 -6.68 25.26 -8.45
N MET A 394 -7.70 24.58 -8.00
CA MET A 394 -8.21 23.44 -8.67
C MET A 394 -9.10 23.85 -9.86
N VAL A 395 -8.53 24.51 -10.80
CA VAL A 395 -9.32 24.92 -11.97
C VAL A 395 -9.94 23.83 -12.76
N PRO A 396 -9.23 22.73 -13.11
CA PRO A 396 -9.67 21.88 -14.26
C PRO A 396 -10.99 21.19 -14.05
N ALA A 397 -11.41 21.05 -12.76
CA ALA A 397 -12.81 20.58 -12.53
C ALA A 397 -13.91 21.50 -13.13
N PHE A 398 -13.79 22.77 -12.91
CA PHE A 398 -14.68 23.78 -13.55
C PHE A 398 -14.65 23.64 -15.13
N LEU A 399 -13.59 23.22 -15.69
CA LEU A 399 -13.48 23.31 -17.12
C LEU A 399 -14.13 22.01 -17.53
N ASP A 400 -14.00 20.95 -16.74
CA ASP A 400 -14.43 19.64 -17.15
C ASP A 400 -15.91 19.50 -17.10
N ILE A 401 -16.55 20.19 -16.11
CA ILE A 401 -18.02 20.03 -15.85
C ILE A 401 -18.82 20.26 -17.09
N PRO A 402 -18.57 21.34 -17.90
CA PRO A 402 -19.25 21.51 -19.18
C PRO A 402 -19.03 20.29 -20.14
N PHE A 403 -17.87 19.71 -20.11
CA PHE A 403 -17.67 18.60 -21.00
C PHE A 403 -18.54 17.39 -20.58
N LEU A 404 -18.74 17.23 -19.32
CA LEU A 404 -19.43 16.04 -18.79
C LEU A 404 -20.88 16.24 -19.11
N ILE A 405 -21.36 17.50 -18.99
CA ILE A 405 -22.72 17.84 -19.35
C ILE A 405 -22.99 17.54 -20.76
N CYS A 406 -22.12 18.05 -21.66
CA CYS A 406 -22.25 17.80 -23.07
C CYS A 406 -22.27 16.33 -23.35
N PHE A 407 -21.40 15.61 -22.70
CA PHE A 407 -21.10 14.25 -23.24
C PHE A 407 -22.36 13.41 -22.77
N PHE A 408 -22.99 13.73 -21.65
CA PHE A 408 -24.09 12.96 -21.14
C PHE A 408 -25.38 13.50 -21.62
N GLY A 409 -25.35 14.66 -22.30
CA GLY A 409 -26.56 15.09 -22.96
C GLY A 409 -26.64 14.52 -24.38
N ARG A 410 -25.51 14.39 -25.03
CA ARG A 410 -25.45 13.84 -26.29
C ARG A 410 -25.59 12.35 -26.42
N SER A 411 -24.71 11.62 -25.77
CA SER A 411 -24.88 10.13 -25.66
C SER A 411 -24.84 9.60 -24.17
N PRO A 412 -25.86 8.73 -23.77
CA PRO A 412 -25.79 7.96 -22.53
C PRO A 412 -24.88 6.77 -22.45
N THR A 413 -24.38 6.31 -21.22
CA THR A 413 -23.57 5.10 -20.92
C THR A 413 -24.15 3.83 -21.11
N TRP A 414 -23.46 2.75 -21.05
CA TRP A 414 -23.95 1.42 -21.19
C TRP A 414 -23.93 1.27 -22.67
N HIS A 415 -23.30 2.16 -23.46
CA HIS A 415 -23.08 2.13 -24.81
C HIS A 415 -21.85 2.98 -24.93
N LYS A 416 -21.10 2.83 -26.09
CA LYS A 416 -19.68 3.40 -26.12
C LYS A 416 -19.71 4.40 -27.28
N ALA A 417 -19.12 5.51 -27.06
CA ALA A 417 -18.73 6.47 -27.99
C ALA A 417 -19.96 6.69 -28.96
N GLY A 418 -19.92 6.31 -30.27
CA GLY A 418 -20.82 6.60 -31.29
C GLY A 418 -20.18 7.63 -32.26
N LYS A 419 -18.95 8.12 -31.91
CA LYS A 419 -18.16 8.97 -32.76
C LYS A 419 -18.90 10.37 -32.72
N ALA A 420 -19.93 10.60 -31.99
CA ALA A 420 -20.49 11.86 -31.61
C ALA A 420 -19.70 12.27 -30.41
N ALA A 421 -19.17 11.43 -29.63
CA ALA A 421 -18.30 11.85 -28.53
C ALA A 421 -17.23 12.76 -29.09
N SER A 422 -16.84 12.67 -30.35
CA SER A 422 -16.05 13.74 -30.96
C SER A 422 -16.90 14.93 -31.56
N HIS A 423 -17.77 15.49 -30.71
CA HIS A 423 -18.54 16.71 -31.08
C HIS A 423 -18.59 17.64 -29.85
N CYS A 424 -18.44 17.17 -28.59
CA CYS A 424 -18.28 17.99 -27.47
C CYS A 424 -17.02 18.69 -27.37
N VAL A 425 -15.95 18.05 -27.80
CA VAL A 425 -14.67 18.71 -27.76
C VAL A 425 -14.72 19.76 -28.84
N GLU A 426 -15.49 19.48 -29.94
CA GLU A 426 -15.48 20.42 -31.00
C GLU A 426 -16.22 21.61 -30.76
N TYR A 427 -17.00 21.62 -29.69
CA TYR A 427 -17.46 22.82 -29.16
C TYR A 427 -16.28 23.29 -28.43
N VAL A 428 -15.59 24.21 -28.99
CA VAL A 428 -14.32 24.58 -28.24
C VAL A 428 -14.58 25.56 -27.20
N SER A 429 -15.28 25.13 -26.19
CA SER A 429 -15.27 25.59 -24.89
C SER A 429 -15.54 27.14 -25.13
N LEU A 430 -16.61 27.47 -25.89
CA LEU A 430 -16.78 28.87 -26.20
C LEU A 430 -16.98 29.54 -24.81
N LEU A 431 -17.69 28.88 -23.91
CA LEU A 431 -17.74 29.28 -22.55
C LEU A 431 -16.50 29.20 -21.74
N HIS A 432 -15.44 28.42 -22.16
CA HIS A 432 -14.25 27.97 -21.42
C HIS A 432 -13.92 29.14 -20.59
N PRO A 433 -13.84 30.39 -21.19
CA PRO A 433 -13.30 31.41 -20.39
C PRO A 433 -14.16 31.68 -19.09
N ILE A 434 -15.45 31.68 -19.14
CA ILE A 434 -16.32 31.88 -18.05
C ILE A 434 -16.03 30.91 -16.96
N VAL A 435 -16.04 29.64 -17.23
CA VAL A 435 -15.66 28.62 -16.21
C VAL A 435 -14.31 28.77 -15.72
N ALA A 436 -13.40 29.11 -16.58
CA ALA A 436 -12.01 29.28 -16.22
C ALA A 436 -11.82 30.38 -15.25
N ILE A 437 -12.62 31.48 -15.39
CA ILE A 437 -12.45 32.63 -14.57
C ILE A 437 -13.31 32.55 -13.34
N MET A 438 -14.35 31.67 -13.33
CA MET A 438 -15.35 31.70 -12.34
C MET A 438 -14.74 31.39 -10.91
N PRO A 439 -13.74 30.52 -10.81
CA PRO A 439 -13.14 30.35 -9.47
C PRO A 439 -12.30 31.63 -9.01
N ALA A 440 -11.76 32.32 -9.94
CA ALA A 440 -11.15 33.67 -9.68
C ALA A 440 -12.26 34.76 -9.46
N TYR A 441 -13.34 34.62 -10.16
CA TYR A 441 -14.56 35.45 -9.99
C TYR A 441 -15.16 35.50 -8.56
N PHE A 442 -15.20 34.35 -8.00
CA PHE A 442 -15.71 34.23 -6.61
C PHE A 442 -14.78 34.97 -5.61
N ARG A 443 -13.52 34.67 -5.82
CA ARG A 443 -12.42 35.54 -5.34
C ARG A 443 -12.49 36.99 -5.43
N PHE A 444 -12.65 37.45 -6.65
CA PHE A 444 -12.91 38.84 -6.90
C PHE A 444 -14.07 39.45 -6.22
N ALA A 445 -15.20 38.77 -6.26
CA ALA A 445 -16.38 39.25 -5.60
C ALA A 445 -16.17 39.21 -4.04
N GLN A 446 -15.44 38.26 -3.49
CA GLN A 446 -15.05 38.32 -2.10
C GLN A 446 -14.31 39.48 -1.69
N CYS A 447 -13.33 39.81 -2.46
CA CYS A 447 -12.60 41.08 -2.31
C CYS A 447 -13.38 42.29 -2.36
N ILE A 448 -14.34 42.41 -3.31
CA ILE A 448 -15.30 43.56 -3.42
C ILE A 448 -16.11 43.71 -2.17
N ARG A 449 -16.71 42.65 -1.72
CA ARG A 449 -17.30 42.44 -0.43
C ARG A 449 -16.59 42.94 0.78
N ARG A 450 -15.33 42.48 0.90
CA ARG A 450 -14.49 42.96 1.92
C ARG A 450 -14.18 44.43 1.94
N TYR A 451 -13.78 44.98 0.74
CA TYR A 451 -13.74 46.40 0.56
C TYR A 451 -15.01 47.21 0.89
N ARG A 452 -16.20 46.69 0.49
CA ARG A 452 -17.56 47.22 0.94
C ARG A 452 -17.65 47.30 2.43
N ASP A 453 -17.06 46.31 3.16
CA ASP A 453 -17.41 46.16 4.54
C ASP A 453 -16.40 47.02 5.26
N THR A 454 -15.13 46.75 5.02
CA THR A 454 -14.03 47.52 5.70
C THR A 454 -13.65 48.71 4.77
N LYS A 455 -13.67 49.90 5.30
CA LYS A 455 -13.45 51.08 4.52
C LYS A 455 -11.99 51.15 3.99
N GLU A 456 -11.04 50.49 4.62
CA GLU A 456 -9.69 50.36 4.14
C GLU A 456 -9.73 49.85 2.69
N SER A 457 -8.94 50.41 1.70
CA SER A 457 -9.02 50.12 0.32
C SER A 457 -7.76 49.47 -0.37
N PHE A 458 -6.57 49.69 0.09
CA PHE A 458 -5.35 49.08 -0.27
C PHE A 458 -5.28 47.61 -0.44
N PRO A 459 -5.46 46.78 0.52
CA PRO A 459 -5.18 45.39 0.31
C PRO A 459 -6.14 44.74 -0.59
N HIS A 460 -7.38 45.11 -0.37
CA HIS A 460 -8.45 44.33 -1.00
C HIS A 460 -8.54 44.80 -2.39
N LEU A 461 -8.30 46.14 -2.64
CA LEU A 461 -8.37 46.70 -4.00
C LEU A 461 -7.20 46.20 -4.88
N VAL A 462 -6.04 46.11 -4.28
CA VAL A 462 -4.89 45.54 -5.00
C VAL A 462 -5.25 44.09 -5.42
N ASN A 463 -6.01 43.39 -4.60
CA ASN A 463 -5.94 41.96 -4.69
C ASN A 463 -7.05 41.71 -5.85
N ALA A 464 -8.07 42.53 -5.76
CA ALA A 464 -9.00 42.73 -6.84
C ALA A 464 -8.34 42.98 -8.17
N ALA A 465 -7.38 43.92 -8.21
CA ALA A 465 -6.80 44.37 -9.44
C ALA A 465 -5.92 43.27 -10.08
N LYS A 466 -5.04 42.61 -9.36
CA LYS A 466 -4.62 41.31 -9.72
C LYS A 466 -5.66 40.29 -10.25
N TYR A 467 -6.85 40.12 -9.62
CA TYR A 467 -7.78 39.14 -10.25
C TYR A 467 -8.36 39.69 -11.50
N ALA A 468 -8.45 40.99 -11.59
CA ALA A 468 -8.77 41.54 -12.87
C ALA A 468 -7.77 41.17 -14.00
N THR A 469 -6.53 41.31 -13.61
CA THR A 469 -5.49 40.93 -14.59
C THR A 469 -5.58 39.47 -14.93
N SER A 470 -6.13 38.62 -14.04
CA SER A 470 -6.12 37.19 -14.19
C SER A 470 -7.28 36.96 -15.30
N PHE A 471 -8.38 37.74 -15.13
CA PHE A 471 -9.48 37.52 -16.15
C PHE A 471 -8.96 38.09 -17.43
N PHE A 472 -8.19 39.14 -17.49
CA PHE A 472 -7.53 39.55 -18.70
C PHE A 472 -6.68 38.63 -19.42
N VAL A 473 -5.82 37.97 -18.73
CA VAL A 473 -4.95 36.99 -19.32
C VAL A 473 -5.71 35.90 -19.90
N VAL A 474 -6.75 35.42 -19.14
CA VAL A 474 -7.60 34.30 -19.60
C VAL A 474 -8.31 34.64 -20.80
N ILE A 475 -8.87 35.86 -20.98
CA ILE A 475 -9.71 36.16 -22.11
C ILE A 475 -8.78 36.46 -23.22
N PHE A 476 -7.73 37.21 -22.95
CA PHE A 476 -6.87 37.44 -24.10
C PHE A 476 -6.63 36.07 -24.69
N ALA A 477 -6.14 35.19 -23.85
CA ALA A 477 -5.79 33.92 -24.32
C ALA A 477 -6.57 33.26 -25.31
N HIS A 478 -7.87 33.25 -25.12
CA HIS A 478 -8.65 32.56 -26.01
C HIS A 478 -8.41 33.02 -27.40
N LYS A 479 -8.30 34.30 -27.54
CA LYS A 479 -8.11 34.81 -28.89
C LYS A 479 -6.84 34.37 -29.54
N TYR A 480 -5.68 34.36 -28.90
CA TYR A 480 -4.60 33.61 -29.50
C TYR A 480 -4.85 32.31 -30.10
N HIS A 481 -5.42 31.47 -29.21
CA HIS A 481 -5.82 30.24 -29.77
C HIS A 481 -6.78 30.46 -30.90
N THR A 482 -7.68 31.46 -30.76
CA THR A 482 -8.96 31.55 -31.49
C THR A 482 -8.62 31.92 -32.95
N THR A 483 -7.65 32.81 -32.99
CA THR A 483 -7.47 33.51 -34.23
C THR A 483 -6.72 32.66 -35.26
N THR A 484 -7.36 31.63 -35.75
CA THR A 484 -6.61 30.71 -36.63
C THR A 484 -6.33 31.53 -37.97
N ASP A 485 -6.93 32.69 -38.21
CA ASP A 485 -6.75 33.49 -39.51
C ASP A 485 -5.86 34.63 -39.16
N THR A 486 -4.73 34.72 -39.94
CA THR A 486 -3.72 35.75 -39.92
C THR A 486 -2.80 35.52 -38.73
N TYR A 487 -3.07 34.49 -37.87
CA TYR A 487 -2.18 33.84 -37.00
C TYR A 487 -1.17 32.88 -37.50
N PRO A 488 -1.27 32.37 -38.80
CA PRO A 488 -0.15 31.60 -39.32
C PRO A 488 1.04 32.59 -39.28
N LEU A 489 2.09 32.14 -38.59
CA LEU A 489 3.15 32.88 -37.86
C LEU A 489 2.71 33.42 -36.55
N SER A 490 3.27 32.70 -35.48
CA SER A 490 3.02 33.16 -34.20
C SER A 490 3.13 34.54 -33.84
N LYS A 491 4.26 34.98 -34.23
CA LYS A 491 4.82 36.25 -34.04
C LYS A 491 3.69 37.24 -34.60
N GLU A 492 3.15 36.85 -35.77
CA GLU A 492 2.05 37.68 -36.31
C GLU A 492 0.90 37.80 -35.41
N ASN A 493 0.00 38.76 -35.55
CA ASN A 493 -1.23 38.79 -34.87
C ASN A 493 -0.83 39.20 -33.35
N PRO A 494 -0.49 40.48 -33.29
CA PRO A 494 0.01 40.97 -31.97
C PRO A 494 -0.85 40.77 -30.75
N TRP A 495 -2.09 40.39 -30.85
CA TRP A 495 -2.84 39.73 -29.77
C TRP A 495 -2.12 38.69 -28.91
N PHE A 496 -1.47 37.69 -29.56
CA PHE A 496 -0.51 36.96 -28.79
C PHE A 496 0.52 37.66 -28.08
N TYR A 497 1.17 38.56 -28.69
CA TYR A 497 2.32 39.19 -27.90
C TYR A 497 1.67 39.87 -26.76
N CYS A 498 0.52 40.42 -26.93
CA CYS A 498 -0.19 41.11 -25.79
C CYS A 498 -0.58 40.15 -24.72
N TRP A 499 -1.13 39.05 -25.10
CA TRP A 499 -1.25 37.88 -24.24
C TRP A 499 -0.10 37.40 -23.41
N ILE A 500 0.97 37.17 -24.12
CA ILE A 500 2.24 36.97 -23.36
C ILE A 500 2.46 37.99 -22.35
N THR A 501 2.29 39.27 -22.77
CA THR A 501 2.87 40.30 -21.89
C THR A 501 1.96 40.34 -20.71
N ALA A 502 0.67 40.16 -20.92
CA ALA A 502 -0.34 40.22 -19.83
C ALA A 502 -0.07 39.09 -18.89
N ALA A 503 0.30 37.98 -19.46
CA ALA A 503 0.64 36.98 -18.57
C ALA A 503 1.74 37.20 -17.61
N ILE A 504 2.93 37.69 -18.11
CA ILE A 504 4.13 37.80 -17.30
C ILE A 504 3.76 38.78 -16.28
N PHE A 505 2.99 39.82 -16.78
CA PHE A 505 2.50 40.80 -15.78
C PHE A 505 1.70 40.36 -14.64
N SER A 506 0.74 39.56 -14.96
CA SER A 506 -0.10 38.94 -13.98
C SER A 506 0.72 37.98 -13.06
N SER A 507 1.58 37.20 -13.65
CA SER A 507 2.42 36.26 -12.88
C SER A 507 3.26 36.97 -11.88
N CYS A 508 3.87 38.06 -12.28
CA CYS A 508 4.88 38.69 -11.37
C CYS A 508 4.01 39.45 -10.24
N TYR A 509 2.88 40.09 -10.66
CA TYR A 509 1.97 40.66 -9.77
C TYR A 509 1.59 39.65 -8.64
N ALA A 510 1.15 38.53 -9.01
CA ALA A 510 0.57 37.60 -8.10
C ALA A 510 1.62 36.95 -7.26
N TYR A 511 2.76 36.72 -7.83
CA TYR A 511 4.04 36.46 -7.09
C TYR A 511 4.45 37.24 -6.00
N THR A 512 4.60 38.53 -6.38
CA THR A 512 4.91 39.59 -5.40
C THR A 512 3.86 39.67 -4.34
N TRP A 513 2.56 39.62 -4.77
CA TRP A 513 1.49 39.80 -3.73
C TRP A 513 1.58 38.70 -2.64
N ASP A 514 1.80 37.42 -3.08
CA ASP A 514 1.52 36.36 -2.14
C ASP A 514 2.86 36.35 -1.22
N ILE A 515 4.00 36.70 -1.82
CA ILE A 515 5.29 36.49 -1.09
C ILE A 515 5.39 37.61 -0.11
N LYS A 516 4.77 38.77 -0.46
CA LYS A 516 4.87 39.92 0.46
C LYS A 516 3.84 39.95 1.46
N MET A 517 2.60 39.61 1.21
CA MET A 517 1.49 39.75 2.25
C MET A 517 1.00 38.41 2.69
N ASP A 518 0.67 37.53 1.70
CA ASP A 518 0.39 36.14 2.12
C ASP A 518 1.21 35.47 3.15
N TRP A 519 2.58 35.61 2.98
CA TRP A 519 3.36 34.75 3.72
C TRP A 519 4.17 35.79 4.61
N GLY A 520 4.07 37.06 4.33
CA GLY A 520 4.78 38.10 5.12
C GLY A 520 6.27 38.05 4.95
N LEU A 521 6.78 37.48 3.88
CA LEU A 521 8.25 37.26 3.83
C LEU A 521 8.82 38.59 3.45
N PHE A 522 10.10 38.71 3.40
CA PHE A 522 10.83 39.91 3.05
C PHE A 522 10.55 40.96 4.00
N ASP A 523 11.25 40.92 5.18
CA ASP A 523 10.64 41.67 6.30
C ASP A 523 11.32 43.14 6.43
N SER A 524 10.50 44.15 6.52
CA SER A 524 10.87 45.50 6.88
C SER A 524 11.40 45.45 8.25
N LYS A 525 10.87 44.50 9.02
CA LYS A 525 11.04 44.54 10.50
C LYS A 525 12.48 44.00 10.66
N ALA A 526 13.25 43.60 9.59
CA ALA A 526 14.62 43.40 9.54
C ALA A 526 14.90 42.26 10.44
N GLY A 527 14.01 41.23 10.41
CA GLY A 527 14.30 40.02 11.13
C GLY A 527 15.59 39.39 10.72
N ASP A 528 16.40 38.91 11.69
CA ASP A 528 17.66 38.34 11.40
C ASP A 528 17.59 37.17 10.46
N ASN A 529 16.66 36.27 10.70
CA ASN A 529 16.59 35.11 9.87
C ASN A 529 16.43 35.68 8.51
N ARG A 530 17.09 35.24 7.52
CA ARG A 530 17.21 35.95 6.33
C ARG A 530 15.99 36.17 5.44
N PHE A 531 15.66 37.36 5.12
CA PHE A 531 14.61 37.67 4.29
C PHE A 531 13.29 37.31 4.83
N LEU A 532 13.12 36.78 6.06
CA LEU A 532 11.94 36.22 6.52
C LEU A 532 11.58 37.10 7.73
N ARG A 533 10.48 36.85 8.33
CA ARG A 533 10.05 37.45 9.58
C ARG A 533 10.85 37.03 10.73
N GLU A 534 10.78 37.82 11.83
CA GLU A 534 11.67 37.63 13.03
C GLU A 534 11.21 36.31 13.59
N GLU A 535 9.88 35.98 13.47
CA GLU A 535 9.43 34.83 14.28
C GLU A 535 8.97 33.86 13.17
N ILE A 536 9.44 32.65 13.21
CA ILE A 536 9.07 31.50 12.42
C ILE A 536 8.60 30.35 13.14
N VAL A 537 7.29 29.91 12.98
CA VAL A 537 6.75 28.83 13.76
C VAL A 537 7.57 27.58 13.36
N TYR A 538 7.84 27.42 12.05
CA TYR A 538 8.44 26.17 11.54
C TYR A 538 9.88 26.29 11.89
N SER A 539 10.50 25.15 12.33
CA SER A 539 11.85 25.16 12.82
C SER A 539 12.81 25.35 11.72
N SER A 540 12.38 24.89 10.51
CA SER A 540 13.34 24.77 9.46
C SER A 540 13.31 25.98 8.57
N THR A 541 14.49 26.49 8.09
CA THR A 541 14.41 27.74 7.47
C THR A 541 14.60 27.37 5.92
N TRP A 542 15.06 26.15 5.72
CA TRP A 542 15.23 25.77 4.34
C TRP A 542 13.72 25.72 3.88
N PHE A 543 12.70 25.43 4.80
CA PHE A 543 11.36 25.22 4.30
C PHE A 543 10.99 26.47 3.64
N TYR A 544 11.29 27.63 4.15
CA TYR A 544 10.67 28.75 3.54
C TYR A 544 11.52 28.86 2.22
N TYR A 545 12.82 28.60 2.32
CA TYR A 545 13.63 28.80 1.06
C TYR A 545 13.14 27.87 -0.08
N PHE A 546 12.75 26.61 0.29
CA PHE A 546 11.99 25.77 -0.59
C PHE A 546 10.70 26.29 -1.14
N GLY A 547 9.97 26.88 -0.22
CA GLY A 547 8.69 27.44 -0.57
C GLY A 547 8.80 28.57 -1.63
N ILE A 548 9.79 29.47 -1.45
CA ILE A 548 9.93 30.63 -2.29
C ILE A 548 10.18 30.18 -3.69
N ILE A 549 11.24 29.35 -3.89
CA ILE A 549 11.53 28.70 -5.14
C ILE A 549 10.36 28.03 -5.75
N GLU A 550 9.66 27.26 -4.90
CA GLU A 550 8.52 26.47 -5.41
C GLU A 550 7.48 27.36 -6.01
N ASP A 551 7.13 28.41 -5.29
CA ASP A 551 6.11 29.32 -5.73
C ASP A 551 6.53 30.05 -6.97
N LEU A 552 7.74 30.60 -7.00
CA LEU A 552 8.35 31.04 -8.23
C LEU A 552 8.23 30.22 -9.43
N ILE A 553 8.64 28.94 -9.33
CA ILE A 553 8.64 28.04 -10.46
C ILE A 553 7.25 27.78 -10.91
N LEU A 554 6.38 27.37 -9.96
CA LEU A 554 5.10 26.89 -10.29
C LEU A 554 4.03 27.82 -10.60
N ARG A 555 4.13 28.97 -9.98
CA ARG A 555 3.32 30.09 -10.48
C ARG A 555 3.62 30.67 -11.83
N PHE A 556 4.92 30.72 -12.19
CA PHE A 556 5.40 30.78 -13.55
C PHE A 556 5.07 29.74 -14.48
N SER A 557 4.51 28.59 -13.95
CA SER A 557 4.38 27.49 -14.82
C SER A 557 3.52 27.83 -16.04
N TRP A 558 2.42 28.55 -15.95
CA TRP A 558 1.60 28.76 -17.09
C TRP A 558 2.39 29.56 -18.25
N THR A 559 3.15 30.55 -17.88
CA THR A 559 3.89 31.33 -18.88
C THR A 559 4.90 30.40 -19.43
N LEU A 560 5.39 29.63 -18.55
CA LEU A 560 6.51 28.70 -18.98
C LEU A 560 5.84 27.56 -19.85
N SER A 561 4.50 27.32 -19.68
CA SER A 561 3.81 26.07 -20.06
C SER A 561 3.52 26.14 -21.50
N MET A 562 3.16 27.31 -22.00
CA MET A 562 2.74 27.36 -23.48
C MET A 562 3.85 26.92 -24.37
N SER A 563 5.13 27.20 -24.02
CA SER A 563 6.11 26.92 -24.98
C SER A 563 6.08 25.56 -25.59
N LEU A 564 5.88 24.51 -24.74
CA LEU A 564 5.80 23.23 -25.35
C LEU A 564 4.74 23.08 -26.40
N ILE A 565 3.49 23.57 -26.08
CA ILE A 565 2.40 23.37 -27.07
C ILE A 565 2.80 24.08 -28.40
N GLU A 566 3.29 25.29 -28.23
CA GLU A 566 3.67 26.13 -29.35
C GLU A 566 4.75 25.43 -30.21
N ALA A 567 5.64 24.80 -29.49
CA ALA A 567 6.83 24.19 -30.04
C ALA A 567 6.49 22.87 -30.76
N GLY A 568 5.23 22.41 -30.82
CA GLY A 568 4.99 21.18 -31.52
C GLY A 568 5.30 19.93 -30.68
N TYR A 569 5.56 20.17 -29.44
CA TYR A 569 5.83 19.12 -28.43
C TYR A 569 4.44 18.68 -27.87
N ILE A 570 4.36 17.94 -26.82
CA ILE A 570 3.07 17.39 -26.35
C ILE A 570 2.03 18.43 -26.34
N GLU A 571 0.79 18.14 -26.80
CA GLU A 571 -0.15 19.17 -27.15
C GLU A 571 -1.52 19.14 -26.40
N GLY A 572 -2.18 20.31 -26.52
CA GLY A 572 -3.51 20.37 -26.08
C GLY A 572 -3.75 20.23 -24.59
N ASP A 573 -4.84 19.53 -24.22
CA ASP A 573 -5.30 19.43 -22.88
C ASP A 573 -4.18 18.84 -22.12
N VAL A 574 -3.51 17.78 -22.61
CA VAL A 574 -2.74 16.89 -21.85
C VAL A 574 -1.78 17.76 -20.86
N MET A 575 -1.21 18.89 -21.39
CA MET A 575 -0.11 19.62 -20.71
C MET A 575 -0.84 20.21 -19.46
N MET A 576 -2.08 20.58 -19.53
CA MET A 576 -2.88 21.08 -18.38
C MET A 576 -3.13 19.96 -17.39
N THR A 577 -3.54 18.69 -17.82
CA THR A 577 -3.39 17.47 -16.95
C THR A 577 -2.15 17.34 -16.18
N ILE A 578 -0.98 17.43 -16.86
CA ILE A 578 0.33 17.20 -16.20
C ILE A 578 0.54 18.33 -15.14
N LEU A 579 0.26 19.59 -15.54
CA LEU A 579 0.57 20.71 -14.74
C LEU A 579 -0.29 20.85 -13.53
N SER A 580 -1.55 20.46 -13.65
CA SER A 580 -2.53 20.74 -12.64
C SER A 580 -2.09 20.12 -11.22
N PRO A 581 -1.64 18.89 -11.10
CA PRO A 581 -1.21 18.40 -9.76
C PRO A 581 -0.09 19.26 -9.16
N LEU A 582 0.82 19.80 -10.04
CA LEU A 582 1.83 20.60 -9.51
C LEU A 582 1.26 21.91 -8.91
N GLU A 583 0.31 22.48 -9.56
CA GLU A 583 -0.40 23.68 -9.03
C GLU A 583 -1.05 23.38 -7.73
N VAL A 584 -1.65 22.16 -7.60
CA VAL A 584 -2.39 21.89 -6.35
C VAL A 584 -1.35 21.73 -5.29
N PHE A 585 -0.18 21.06 -5.59
CA PHE A 585 0.85 20.95 -4.59
C PHE A 585 1.46 22.20 -4.08
N ARG A 586 1.83 23.12 -5.01
CA ARG A 586 2.12 24.47 -4.59
C ARG A 586 1.00 25.25 -3.81
N ARG A 587 -0.24 25.04 -4.03
CA ARG A 587 -1.29 25.61 -3.16
C ARG A 587 -1.25 25.03 -1.75
N PHE A 588 -1.08 23.73 -1.64
CA PHE A 588 -0.59 23.12 -0.49
C PHE A 588 0.49 23.71 0.33
N ILE A 589 1.53 24.02 -0.34
CA ILE A 589 2.60 24.72 0.28
C ILE A 589 2.16 26.15 0.70
N TRP A 590 1.51 26.83 -0.17
CA TRP A 590 1.02 28.21 0.12
C TRP A 590 0.00 28.16 1.30
N ASN A 591 -0.67 26.96 1.48
CA ASN A 591 -1.59 26.93 2.66
C ASN A 591 -0.83 26.84 3.93
N TYR A 592 0.31 26.07 3.97
CA TYR A 592 1.24 26.19 4.97
C TYR A 592 1.57 27.60 5.36
N PHE A 593 1.97 28.45 4.34
CA PHE A 593 2.60 29.67 4.67
C PHE A 593 1.53 30.77 5.00
N ARG A 594 0.47 30.75 4.26
CA ARG A 594 -0.59 31.58 4.72
C ARG A 594 -1.11 31.37 6.17
N LEU A 595 -1.29 30.14 6.57
CA LEU A 595 -1.78 29.91 7.90
C LEU A 595 -0.74 30.26 8.92
N GLU A 596 0.49 30.03 8.59
CA GLU A 596 1.56 30.44 9.45
C GLU A 596 1.50 31.91 9.69
N ASN A 597 1.22 32.71 8.61
CA ASN A 597 1.43 34.13 8.65
C ASN A 597 0.11 34.57 9.47
N GLU A 598 -1.04 33.96 9.29
CA GLU A 598 -2.27 34.34 10.02
C GLU A 598 -2.13 34.03 11.53
N HIS A 599 -1.54 32.85 11.86
CA HIS A 599 -1.31 32.49 13.20
C HIS A 599 -0.44 33.58 13.84
N LEU A 600 0.53 34.07 13.05
CA LEU A 600 1.65 34.69 13.79
C LEU A 600 1.09 36.18 13.98
N ASN A 601 0.24 36.60 13.05
CA ASN A 601 -0.47 37.89 13.19
C ASN A 601 -1.45 37.84 14.34
N ASN A 602 -2.05 36.64 14.59
CA ASN A 602 -3.14 36.69 15.49
C ASN A 602 -2.44 36.55 16.91
N VAL A 603 -1.33 35.92 17.04
CA VAL A 603 -0.62 35.91 18.30
C VAL A 603 0.06 37.28 18.58
N ALA A 604 0.46 37.95 17.56
CA ALA A 604 0.93 39.35 17.68
C ALA A 604 -0.11 40.25 18.21
N LYS A 605 -1.44 40.00 17.82
CA LYS A 605 -2.38 40.94 18.18
C LYS A 605 -2.67 40.54 19.67
N PHE A 606 -2.68 39.23 20.01
CA PHE A 606 -2.86 38.93 21.37
C PHE A 606 -2.22 37.47 21.50
N PRO B 223 4.31 5.62 14.71
CA PRO B 223 3.79 6.73 13.94
C PRO B 223 4.31 6.63 12.49
N TRP B 224 5.57 7.03 12.18
CA TRP B 224 6.18 6.99 10.88
C TRP B 224 6.43 5.59 10.54
N THR B 225 6.84 4.81 11.50
CA THR B 225 7.03 3.37 11.23
C THR B 225 5.76 2.83 10.91
N THR B 226 4.70 3.00 11.62
CA THR B 226 3.38 2.39 11.34
C THR B 226 2.91 2.77 9.96
N PHE B 227 3.26 3.93 9.53
CA PHE B 227 2.71 4.49 8.33
C PHE B 227 3.44 3.73 7.19
N LYS B 228 4.76 3.70 7.25
CA LYS B 228 5.55 2.75 6.44
C LYS B 228 5.08 1.36 6.36
N VAL B 229 4.59 0.84 7.46
CA VAL B 229 4.34 -0.57 7.46
C VAL B 229 3.04 -0.60 6.54
N GLY B 230 2.13 0.41 6.67
CA GLY B 230 0.95 0.28 5.89
C GLY B 230 1.26 0.61 4.43
N LEU B 231 2.17 1.55 4.09
CA LEU B 231 2.48 1.72 2.65
C LEU B 231 2.98 0.44 2.07
N PHE B 232 3.87 -0.21 2.75
CA PHE B 232 4.48 -1.44 2.13
C PHE B 232 3.47 -2.63 2.15
N SER B 233 2.65 -2.68 3.15
CA SER B 233 1.54 -3.67 3.06
C SER B 233 0.63 -3.54 1.92
N GLY B 234 0.15 -2.27 1.66
CA GLY B 234 -0.69 -2.09 0.51
C GLY B 234 0.03 -2.37 -0.82
N ALA B 235 1.35 -2.01 -0.89
CA ALA B 235 2.08 -2.25 -2.04
C ALA B 235 2.28 -3.78 -2.27
N PHE B 236 2.48 -4.50 -1.19
CA PHE B 236 2.60 -5.90 -1.24
C PHE B 236 1.29 -6.56 -1.77
N VAL B 237 0.18 -6.11 -1.28
CA VAL B 237 -1.09 -6.75 -1.69
C VAL B 237 -1.29 -6.44 -3.21
N VAL B 238 -1.09 -5.23 -3.68
CA VAL B 238 -1.41 -4.88 -5.04
C VAL B 238 -0.38 -5.63 -5.93
N LEU B 239 0.94 -5.57 -5.54
CA LEU B 239 1.86 -6.29 -6.30
C LEU B 239 1.72 -7.84 -6.38
N PHE B 240 1.26 -8.45 -5.32
CA PHE B 240 1.06 -9.87 -5.28
C PHE B 240 -0.20 -10.14 -6.25
N ILE B 241 -1.21 -9.32 -6.29
CA ILE B 241 -2.35 -9.50 -7.24
C ILE B 241 -1.77 -9.40 -8.61
N THR B 242 -0.86 -8.41 -8.91
CA THR B 242 -0.39 -8.19 -10.24
C THR B 242 0.54 -9.42 -10.67
N VAL B 243 1.36 -9.86 -9.74
CA VAL B 243 1.99 -11.19 -9.92
C VAL B 243 1.10 -12.31 -10.36
N VAL B 244 0.04 -12.55 -9.61
CA VAL B 244 -0.75 -13.69 -9.97
C VAL B 244 -1.36 -13.51 -11.33
N ILE B 245 -1.93 -12.28 -11.59
CA ILE B 245 -2.43 -11.96 -12.97
C ILE B 245 -1.33 -12.26 -14.03
N ALA B 246 -0.18 -11.73 -13.84
CA ALA B 246 0.92 -11.86 -14.82
C ALA B 246 1.22 -13.24 -15.07
N ALA B 247 1.32 -14.06 -13.98
CA ALA B 247 1.59 -15.53 -14.09
C ALA B 247 0.50 -16.22 -14.83
N MET B 248 -0.79 -15.97 -14.51
CA MET B 248 -1.95 -16.60 -15.26
C MET B 248 -1.92 -16.23 -16.70
N PHE B 249 -1.75 -14.92 -17.10
CA PHE B 249 -1.93 -14.68 -18.48
C PHE B 249 -0.62 -14.60 -19.20
N TYR B 250 0.48 -13.89 -18.68
CA TYR B 250 1.49 -13.45 -19.58
C TYR B 250 2.42 -14.77 -19.61
N GLY B 251 2.40 -15.59 -18.47
CA GLY B 251 3.21 -16.75 -18.36
C GLY B 251 4.50 -16.61 -17.53
N PHE B 252 5.12 -17.64 -16.98
CA PHE B 252 5.92 -17.48 -15.83
C PHE B 252 7.31 -17.70 -16.33
N GLY B 253 7.51 -17.92 -17.68
CA GLY B 253 8.74 -18.15 -18.37
C GLY B 253 8.79 -19.49 -19.02
N GLU B 254 9.99 -19.87 -19.54
CA GLU B 254 10.16 -21.11 -20.24
C GLU B 254 9.98 -22.32 -19.27
N ASN B 255 10.55 -22.21 -18.05
CA ASN B 255 10.45 -23.31 -17.02
C ASN B 255 9.70 -22.62 -15.86
N TRP B 256 8.43 -22.71 -15.93
CA TRP B 256 7.55 -22.27 -14.83
C TRP B 256 7.83 -23.03 -13.57
N ARG B 257 8.35 -24.23 -13.71
CA ARG B 257 8.43 -25.10 -12.57
C ARG B 257 9.59 -24.61 -11.84
N ALA B 258 10.67 -24.35 -12.55
CA ALA B 258 11.84 -23.79 -11.96
C ALA B 258 11.65 -22.49 -11.24
N GLY B 259 10.87 -21.64 -11.78
CA GLY B 259 10.44 -20.40 -11.22
C GLY B 259 9.74 -20.55 -9.86
N MET B 260 8.82 -21.47 -9.90
CA MET B 260 7.99 -21.71 -8.70
C MET B 260 8.81 -22.20 -7.57
N ARG B 261 9.64 -23.24 -7.86
CA ARG B 261 10.61 -23.73 -6.91
C ARG B 261 11.56 -22.66 -6.43
N MET B 262 12.00 -21.69 -7.32
CA MET B 262 12.93 -20.63 -6.81
C MET B 262 12.23 -19.68 -5.88
N PHE B 263 10.96 -19.30 -6.24
CA PHE B 263 10.23 -18.29 -5.51
C PHE B 263 9.36 -18.81 -4.48
N ARG B 264 9.20 -20.16 -4.32
CA ARG B 264 8.63 -20.59 -3.01
C ARG B 264 9.28 -20.14 -1.72
N ALA B 265 10.49 -20.48 -1.50
CA ALA B 265 11.11 -20.28 -0.22
C ALA B 265 11.12 -18.87 0.25
N PRO B 266 11.49 -17.88 -0.54
CA PRO B 266 11.47 -16.52 -0.04
C PRO B 266 10.03 -16.08 0.41
N PHE B 267 9.06 -16.48 -0.30
CA PHE B 267 7.64 -16.17 0.04
C PHE B 267 7.29 -16.70 1.46
N LEU B 268 7.67 -17.93 1.74
CA LEU B 268 7.29 -18.52 2.99
C LEU B 268 8.13 -17.93 4.06
N ILE B 269 9.43 -17.54 3.85
CA ILE B 269 10.18 -16.84 4.85
C ILE B 269 9.53 -15.48 5.20
N ILE B 270 9.14 -14.84 4.11
CA ILE B 270 8.53 -13.50 4.33
C ILE B 270 7.26 -13.60 5.12
N GLU B 271 6.53 -14.60 4.73
CA GLU B 271 5.25 -14.83 5.42
C GLU B 271 5.47 -15.10 6.86
N CYS B 272 6.43 -15.95 7.17
CA CYS B 272 6.83 -16.25 8.52
C CYS B 272 7.29 -15.08 9.34
N LEU B 273 8.13 -14.24 8.75
CA LEU B 273 8.36 -12.85 9.28
C LEU B 273 7.25 -12.00 9.68
N PHE B 274 6.36 -11.89 8.66
CA PHE B 274 5.26 -10.98 8.86
C PHE B 274 4.26 -11.54 9.96
N LEU B 275 4.11 -12.84 9.87
CA LEU B 275 3.24 -13.52 10.89
C LEU B 275 3.88 -13.50 12.29
N TRP B 276 5.15 -13.52 12.41
CA TRP B 276 5.71 -13.50 13.78
C TRP B 276 5.52 -12.08 14.22
N GLY B 277 5.63 -11.07 13.32
CA GLY B 277 5.41 -9.71 13.74
C GLY B 277 3.98 -9.47 14.28
N VAL B 278 2.95 -10.03 13.57
CA VAL B 278 1.58 -9.95 14.01
C VAL B 278 1.40 -10.67 15.31
N ASN B 279 2.04 -11.86 15.44
CA ASN B 279 2.12 -12.55 16.70
C ASN B 279 2.70 -11.93 17.84
N VAL B 280 3.83 -11.29 17.65
CA VAL B 280 4.36 -10.31 18.65
C VAL B 280 3.46 -9.23 19.13
N TYR B 281 2.96 -8.49 18.17
CA TYR B 281 1.79 -7.66 18.52
C TYR B 281 0.69 -8.27 19.43
N GLY B 282 0.20 -9.39 19.07
CA GLY B 282 -0.77 -10.05 19.82
C GLY B 282 -0.28 -10.41 21.25
N TRP B 283 0.91 -10.93 21.35
CA TRP B 283 1.58 -11.21 22.71
C TRP B 283 1.76 -9.99 23.66
N ARG B 284 2.30 -8.93 23.13
CA ARG B 284 2.13 -7.65 23.76
C ARG B 284 0.71 -7.16 24.12
N SER B 285 -0.23 -7.20 23.26
CA SER B 285 -1.53 -6.74 23.55
C SER B 285 -2.16 -7.59 24.72
N SER B 286 -2.00 -8.87 24.66
CA SER B 286 -2.37 -9.72 25.73
C SER B 286 -1.31 -9.63 26.92
N GLY B 287 -1.68 -10.13 28.06
CA GLY B 287 -0.82 -10.12 29.18
C GLY B 287 0.12 -11.33 29.23
N VAL B 288 0.83 -11.45 28.18
CA VAL B 288 1.99 -12.42 27.98
C VAL B 288 3.30 -11.85 28.06
N ASN B 289 4.24 -12.41 28.87
CA ASN B 289 5.56 -12.01 29.00
C ASN B 289 6.37 -12.66 27.81
N HIS B 290 6.28 -12.08 26.67
CA HIS B 290 7.24 -12.38 25.54
C HIS B 290 8.74 -12.39 25.88
N VAL B 291 9.11 -11.41 26.65
CA VAL B 291 10.48 -11.32 27.22
C VAL B 291 10.95 -12.59 28.00
N LEU B 292 10.18 -13.01 28.95
CA LEU B 292 10.64 -14.03 29.82
C LEU B 292 10.86 -15.39 29.25
N ILE B 293 9.87 -15.73 28.38
CA ILE B 293 9.72 -17.16 28.03
C ILE B 293 10.95 -17.38 26.98
N PHE B 294 11.06 -16.46 25.98
CA PHE B 294 12.23 -16.38 25.00
C PHE B 294 13.60 -16.19 25.46
N GLU B 295 13.81 -15.84 26.68
CA GLU B 295 15.01 -15.53 27.30
C GLU B 295 15.70 -14.38 26.59
N LEU B 296 15.04 -13.26 26.37
CA LEU B 296 15.68 -12.10 25.79
C LEU B 296 15.85 -11.06 26.79
N ASP B 297 16.93 -10.36 26.66
CA ASP B 297 17.32 -9.32 27.63
C ASP B 297 16.17 -8.38 27.61
N PRO B 298 15.70 -7.84 28.77
CA PRO B 298 14.55 -6.96 28.81
C PRO B 298 14.90 -5.86 27.88
N ARG B 299 16.17 -5.52 27.80
CA ARG B 299 16.55 -4.34 27.07
C ARG B 299 16.23 -4.32 25.60
N ASN B 300 16.51 -5.32 24.85
CA ASN B 300 16.32 -5.30 23.35
C ASN B 300 15.17 -6.18 22.94
N HIS B 301 14.13 -5.62 22.35
CA HIS B 301 13.05 -6.47 21.79
C HIS B 301 12.70 -5.95 20.40
N LEU B 302 12.73 -6.80 19.39
CA LEU B 302 12.25 -6.26 18.09
C LEU B 302 10.83 -6.01 18.45
N SER B 303 10.30 -4.95 17.86
CA SER B 303 8.93 -4.58 18.25
C SER B 303 8.11 -4.83 17.08
N GLU B 304 6.82 -5.12 17.30
CA GLU B 304 5.88 -5.58 16.33
C GLU B 304 5.61 -4.59 15.21
N GLN B 305 6.21 -3.31 15.24
CA GLN B 305 6.33 -2.51 14.01
C GLN B 305 7.55 -2.69 13.15
N ASN B 306 8.75 -2.72 13.79
CA ASN B 306 9.95 -3.15 13.13
C ASN B 306 9.98 -4.43 12.33
N ILE B 307 9.52 -5.54 12.95
CA ILE B 307 9.45 -6.78 12.28
C ILE B 307 8.47 -6.70 11.09
N MET B 308 7.32 -6.13 11.30
CA MET B 308 6.36 -5.92 10.25
C MET B 308 6.71 -4.97 9.06
N GLU B 309 7.32 -3.85 9.36
CA GLU B 309 8.24 -3.17 8.41
C GLU B 309 9.23 -4.11 7.58
N VAL B 310 10.05 -4.91 8.30
CA VAL B 310 11.03 -5.57 7.58
C VAL B 310 10.43 -6.53 6.62
N ALA B 311 9.40 -7.20 7.22
CA ALA B 311 8.75 -8.26 6.41
C ALA B 311 8.09 -7.65 5.14
N SER B 312 7.37 -6.57 5.32
CA SER B 312 6.76 -5.84 4.17
C SER B 312 7.66 -5.29 3.14
N VAL B 313 8.72 -4.64 3.58
CA VAL B 313 9.79 -4.26 2.69
C VAL B 313 10.27 -5.47 1.84
N PHE B 314 10.65 -6.54 2.50
CA PHE B 314 11.01 -7.75 1.84
C PHE B 314 10.05 -8.32 0.94
N GLY B 315 8.74 -8.22 1.29
CA GLY B 315 7.66 -8.62 0.38
C GLY B 315 7.62 -7.80 -0.87
N VAL B 316 7.82 -6.46 -0.73
CA VAL B 316 7.72 -5.60 -1.94
C VAL B 316 8.94 -6.02 -2.85
N ILE B 317 10.09 -6.25 -2.24
CA ILE B 317 11.33 -6.60 -2.99
C ILE B 317 11.05 -7.97 -3.73
N TRP B 318 10.51 -8.96 -2.98
CA TRP B 318 10.10 -10.21 -3.67
C TRP B 318 9.22 -10.02 -4.78
N ALA B 319 8.16 -9.20 -4.57
CA ALA B 319 7.22 -9.03 -5.72
C ALA B 319 7.96 -8.37 -6.99
N CYS B 320 8.74 -7.35 -6.74
CA CYS B 320 9.53 -6.73 -7.77
C CYS B 320 10.44 -7.76 -8.47
N CYS B 321 11.02 -8.62 -7.72
CA CYS B 321 11.95 -9.61 -8.42
C CYS B 321 11.17 -10.61 -9.21
N VAL B 322 10.03 -10.92 -8.63
CA VAL B 322 9.11 -11.78 -9.42
C VAL B 322 8.66 -11.08 -10.72
N LEU B 323 8.28 -9.88 -10.62
CA LEU B 323 7.92 -9.18 -11.83
C LEU B 323 8.95 -8.99 -12.83
N SER B 324 10.19 -8.73 -12.37
CA SER B 324 11.42 -8.85 -13.27
C SER B 324 11.63 -10.14 -13.92
N TYR B 325 11.43 -11.22 -13.18
CA TYR B 325 11.29 -12.53 -13.66
C TYR B 325 10.37 -12.74 -14.87
N ILE B 326 9.10 -12.37 -14.61
CA ILE B 326 8.09 -12.61 -15.65
C ILE B 326 8.46 -11.78 -16.84
N PHE B 327 8.90 -10.57 -16.62
CA PHE B 327 9.08 -9.56 -17.73
C PHE B 327 10.52 -9.40 -18.06
N CYS B 328 11.29 -10.50 -17.97
CA CYS B 328 12.75 -10.47 -18.23
C CYS B 328 13.05 -9.90 -19.66
N ASP B 329 12.32 -10.38 -20.64
CA ASP B 329 12.68 -10.09 -22.04
C ASP B 329 12.38 -8.56 -22.29
N PRO B 330 11.18 -8.00 -21.91
CA PRO B 330 11.02 -6.60 -22.10
C PRO B 330 12.03 -5.67 -21.47
N LEU B 331 12.47 -6.00 -20.29
CA LEU B 331 13.45 -5.17 -19.54
C LEU B 331 14.81 -5.35 -20.06
N GLY B 332 15.06 -6.50 -20.71
CA GLY B 332 16.40 -6.85 -21.21
C GLY B 332 17.26 -7.50 -20.16
N ILE B 333 16.72 -7.66 -18.97
CA ILE B 333 17.55 -8.11 -17.92
C ILE B 333 17.58 -9.63 -18.23
N PRO B 334 18.63 -10.31 -17.85
CA PRO B 334 18.54 -11.80 -17.83
C PRO B 334 17.61 -12.43 -16.88
N GLN B 335 17.22 -13.64 -17.34
CA GLN B 335 15.97 -14.20 -16.76
C GLN B 335 16.18 -14.61 -15.35
N TYR B 336 17.33 -15.15 -15.01
CA TYR B 336 17.60 -15.66 -13.63
C TYR B 336 18.26 -14.75 -12.72
N ALA B 337 18.46 -13.52 -13.12
CA ALA B 337 19.12 -12.52 -12.25
C ALA B 337 18.23 -12.11 -11.13
N ALA B 338 16.96 -11.87 -11.38
CA ALA B 338 16.14 -11.46 -10.21
C ALA B 338 16.03 -12.35 -9.01
N PRO B 339 15.77 -13.63 -9.13
CA PRO B 339 15.81 -14.49 -7.91
C PRO B 339 17.19 -14.53 -7.29
N LEU B 340 18.26 -14.38 -8.04
CA LEU B 340 19.51 -14.73 -7.43
C LEU B 340 19.89 -13.44 -6.70
N CYS B 341 19.57 -12.25 -7.26
CA CYS B 341 19.51 -10.97 -6.48
C CYS B 341 18.71 -10.98 -5.21
N LEU B 342 17.57 -11.63 -5.23
CA LEU B 342 16.70 -11.68 -4.10
C LEU B 342 17.42 -12.40 -3.00
N TYR B 343 18.09 -13.58 -3.35
CA TYR B 343 18.67 -14.41 -2.39
C TYR B 343 19.86 -13.69 -1.85
N THR B 344 20.55 -12.96 -2.71
CA THR B 344 21.71 -12.06 -2.27
C THR B 344 21.37 -11.04 -1.27
N LEU B 345 20.33 -10.29 -1.52
CA LEU B 345 19.86 -9.33 -0.59
C LEU B 345 19.41 -10.01 0.72
N MET B 346 18.65 -11.09 0.67
CA MET B 346 18.33 -11.72 1.88
C MET B 346 19.46 -12.18 2.74
N ALA B 347 20.36 -12.87 2.11
CA ALA B 347 21.55 -13.38 2.81
C ALA B 347 22.38 -12.21 3.39
N ALA B 348 22.58 -11.14 2.58
CA ALA B 348 23.31 -9.96 3.09
C ALA B 348 22.67 -9.43 4.33
N PHE B 349 21.32 -9.30 4.32
CA PHE B 349 20.56 -8.77 5.51
C PHE B 349 20.74 -9.64 6.67
N LEU B 350 20.56 -10.92 6.50
CA LEU B 350 20.54 -11.91 7.66
C LEU B 350 21.91 -12.09 8.22
N LEU B 351 22.90 -12.10 7.35
CA LEU B 351 24.18 -12.54 7.83
C LEU B 351 25.10 -11.27 7.81
N ASN B 352 24.53 -10.07 8.20
CA ASN B 352 25.25 -8.89 8.26
C ASN B 352 26.24 -8.68 9.43
N PRO B 353 27.59 -8.64 9.11
CA PRO B 353 28.49 -8.70 10.21
C PRO B 353 28.69 -7.27 10.91
N THR B 354 27.97 -6.28 10.42
CA THR B 354 28.20 -4.96 10.90
C THR B 354 27.38 -4.95 12.22
N LYS B 355 27.55 -3.77 12.90
CA LYS B 355 26.68 -3.39 14.03
C LYS B 355 25.51 -2.47 13.81
N THR B 356 24.96 -2.50 12.62
CA THR B 356 23.92 -1.51 12.19
C THR B 356 22.62 -1.98 12.74
N PHE B 357 21.52 -1.34 12.29
CA PHE B 357 20.22 -1.60 12.85
C PHE B 357 19.82 -3.03 12.93
N HIS B 358 19.12 -3.38 13.96
CA HIS B 358 18.65 -4.74 14.31
C HIS B 358 19.72 -5.71 14.44
N HIS B 359 20.90 -5.32 14.90
CA HIS B 359 22.07 -6.22 14.93
C HIS B 359 21.87 -7.38 15.96
N GLU B 360 21.33 -7.06 17.10
CA GLU B 360 21.20 -8.04 18.21
C GLU B 360 20.17 -9.08 17.88
N ALA B 361 19.10 -8.66 17.25
CA ALA B 361 18.07 -9.57 16.81
C ALA B 361 18.76 -10.58 15.91
N ARG B 362 19.50 -10.18 14.86
CA ARG B 362 19.94 -11.08 13.85
C ARG B 362 20.87 -12.03 14.52
N PHE B 363 21.75 -11.50 15.44
CA PHE B 363 22.80 -12.40 15.96
C PHE B 363 22.10 -13.48 16.93
N TRP B 364 21.15 -13.09 17.74
CA TRP B 364 20.27 -14.02 18.38
C TRP B 364 19.57 -15.01 17.41
N ALA B 365 19.03 -14.61 16.33
CA ALA B 365 18.40 -15.51 15.42
C ALA B 365 19.42 -16.53 14.85
N ILE B 366 20.57 -16.08 14.50
CA ILE B 366 21.59 -16.91 14.03
C ILE B 366 22.00 -17.95 15.10
N ARG B 367 21.99 -17.54 16.36
CA ARG B 367 22.64 -18.34 17.36
C ARG B 367 21.57 -19.45 17.71
N ILE B 368 20.32 -19.11 17.65
CA ILE B 368 19.23 -20.05 17.94
C ILE B 368 19.13 -21.01 16.79
N LEU B 369 19.22 -20.47 15.55
CA LEU B 369 19.20 -21.39 14.36
C LEU B 369 20.38 -22.41 14.43
N ILE B 370 21.61 -21.90 14.75
CA ILE B 370 22.72 -22.76 15.11
C ILE B 370 22.43 -23.94 16.09
N ARG B 371 21.84 -23.52 17.25
CA ARG B 371 21.50 -24.46 18.23
C ARG B 371 20.47 -25.48 17.68
N VAL B 372 19.50 -25.01 16.98
CA VAL B 372 18.59 -25.88 16.20
C VAL B 372 19.23 -26.86 15.38
N ILE B 373 20.19 -26.51 14.55
CA ILE B 373 20.71 -27.33 13.49
C ILE B 373 21.62 -28.39 14.17
N MET B 374 22.29 -27.95 15.22
CA MET B 374 22.99 -28.88 16.17
C MET B 374 22.02 -29.38 17.29
N ALA B 375 20.97 -29.96 16.91
CA ALA B 375 19.89 -30.32 17.85
C ALA B 375 20.40 -31.38 18.91
N PRO B 376 21.06 -32.48 18.59
CA PRO B 376 21.22 -33.47 19.71
C PRO B 376 22.17 -33.00 20.77
N PHE B 377 23.30 -32.48 20.35
CA PHE B 377 24.37 -32.13 21.32
C PHE B 377 24.09 -30.84 22.13
N CYS B 378 23.31 -29.91 21.61
CA CYS B 378 23.13 -28.56 22.33
C CYS B 378 21.99 -28.71 23.25
N PHE B 379 21.98 -27.92 24.35
CA PHE B 379 20.90 -27.91 25.28
C PHE B 379 19.69 -27.33 24.67
N VAL B 380 18.51 -27.78 25.05
CA VAL B 380 17.18 -27.32 24.51
C VAL B 380 16.66 -26.17 25.47
N ASN B 381 16.44 -24.98 24.84
CA ASN B 381 15.56 -23.96 25.24
C ASN B 381 14.28 -23.76 24.64
N PHE B 382 13.49 -22.74 25.19
CA PHE B 382 12.19 -22.60 24.64
C PHE B 382 12.24 -21.96 23.28
N ALA B 383 13.23 -21.12 23.07
CA ALA B 383 13.53 -20.61 21.76
C ALA B 383 13.75 -21.72 20.79
N ASP B 384 14.48 -22.77 21.23
CA ASP B 384 14.81 -23.92 20.35
C ASP B 384 13.64 -24.67 20.01
N PHE B 385 12.80 -24.76 21.07
CA PHE B 385 11.40 -25.14 20.78
C PHE B 385 10.69 -24.52 19.63
N TRP B 386 10.61 -23.25 19.72
CA TRP B 386 9.75 -22.44 18.81
C TRP B 386 10.27 -22.48 17.44
N LEU B 387 11.56 -22.29 17.29
CA LEU B 387 12.16 -22.14 15.99
C LEU B 387 12.27 -23.43 15.31
N ALA B 388 12.56 -24.56 16.01
CA ALA B 388 12.55 -25.84 15.40
C ALA B 388 11.12 -26.20 14.89
N ASP B 389 10.11 -25.92 15.69
CA ASP B 389 8.71 -26.10 15.13
C ASP B 389 8.33 -25.26 13.95
N GLN B 390 8.70 -23.96 13.98
CA GLN B 390 8.68 -23.16 12.84
C GLN B 390 9.34 -23.66 11.64
N LEU B 391 10.46 -24.26 11.76
CA LEU B 391 11.24 -24.74 10.58
C LEU B 391 10.47 -25.93 10.09
N ASN B 392 9.81 -26.69 11.03
CA ASN B 392 9.08 -27.96 10.58
C ASN B 392 7.90 -27.47 9.88
N SER B 393 7.28 -26.37 10.26
CA SER B 393 6.29 -25.79 9.32
C SER B 393 6.67 -25.40 8.03
N MET B 394 7.70 -24.60 7.93
CA MET B 394 8.15 -24.10 6.68
C MET B 394 8.99 -25.16 5.93
N VAL B 395 8.40 -26.23 5.62
CA VAL B 395 9.13 -27.28 4.88
C VAL B 395 9.69 -26.89 3.57
N PRO B 396 8.94 -26.22 2.67
CA PRO B 396 9.31 -26.23 1.20
C PRO B 396 10.62 -25.58 0.89
N ALA B 397 11.11 -24.69 1.83
CA ALA B 397 12.50 -24.20 1.65
C ALA B 397 13.59 -25.31 1.68
N PHE B 398 13.50 -26.19 2.62
CA PHE B 398 14.38 -27.38 2.67
C PHE B 398 14.27 -28.23 1.33
N LEU B 399 13.18 -28.22 0.68
CA LEU B 399 13.00 -29.15 -0.41
C LEU B 399 13.61 -28.36 -1.54
N ASP B 400 13.50 -27.04 -1.54
CA ASP B 400 13.87 -26.24 -2.68
C ASP B 400 15.36 -26.12 -2.79
N ILE B 401 16.05 -26.09 -1.62
CA ILE B 401 17.53 -25.82 -1.59
C ILE B 401 18.27 -26.78 -2.48
N PRO B 402 18.00 -28.12 -2.48
CA PRO B 402 18.63 -29.03 -3.42
C PRO B 402 18.34 -28.62 -4.92
N PHE B 403 17.17 -28.13 -5.17
CA PHE B 403 16.90 -27.77 -6.54
C PHE B 403 17.77 -26.57 -6.98
N LEU B 404 18.02 -25.69 -6.08
CA LEU B 404 18.72 -24.42 -6.40
C LEU B 404 20.16 -24.80 -6.61
N ILE B 405 20.67 -25.73 -5.79
CA ILE B 405 22.02 -26.23 -5.94
C ILE B 405 22.21 -26.86 -7.25
N CYS B 406 21.31 -27.80 -7.62
CA CYS B 406 21.36 -28.44 -8.91
C CYS B 406 21.33 -27.44 -10.01
N PHE B 407 20.49 -26.46 -9.89
CA PHE B 407 20.13 -25.69 -11.10
C PHE B 407 21.40 -24.75 -11.32
N PHE B 408 22.09 -24.35 -10.26
CA PHE B 408 23.20 -23.44 -10.36
C PHE B 408 24.48 -24.18 -10.49
N GLY B 409 24.44 -25.52 -10.34
CA GLY B 409 25.62 -26.27 -10.67
C GLY B 409 25.62 -26.68 -12.15
N ARG B 410 24.45 -26.95 -12.68
CA ARG B 410 24.32 -27.26 -14.01
C ARG B 410 24.43 -26.14 -15.01
N SER B 411 23.56 -25.15 -14.89
CA SER B 411 23.72 -23.90 -15.72
C SER B 411 23.73 -22.57 -14.84
N PRO B 412 24.76 -21.66 -15.09
CA PRO B 412 24.74 -20.31 -14.57
C PRO B 412 23.81 -19.29 -15.16
N THR B 413 23.36 -18.17 -14.44
CA THR B 413 22.55 -17.01 -14.88
C THR B 413 23.10 -16.12 -15.83
N TRP B 414 22.38 -15.22 -16.40
CA TRP B 414 22.84 -14.23 -17.32
C TRP B 414 22.75 -15.00 -18.59
N HIS B 415 22.09 -16.18 -18.65
CA HIS B 415 21.80 -16.97 -19.74
C HIS B 415 20.59 -17.71 -19.27
N LYS B 416 19.77 -18.27 -20.25
CA LYS B 416 18.37 -18.71 -19.85
C LYS B 416 18.36 -20.23 -20.19
N ALA B 417 17.81 -20.97 -19.31
CA ALA B 417 17.39 -22.29 -19.45
C ALA B 417 18.56 -23.06 -20.16
N GLY B 418 18.47 -23.54 -21.44
CA GLY B 418 19.32 -24.40 -22.13
C GLY B 418 18.64 -25.79 -22.25
N LYS B 419 17.44 -25.96 -21.61
CA LYS B 419 16.63 -27.14 -21.74
C LYS B 419 17.39 -28.24 -20.91
N ALA B 420 18.47 -28.01 -20.24
CA ALA B 420 19.07 -28.80 -19.20
C ALA B 420 18.35 -28.39 -17.95
N ALA B 421 17.84 -27.24 -17.82
CA ALA B 421 17.03 -26.90 -16.64
C ALA B 421 15.96 -27.95 -16.48
N SER B 422 15.49 -28.63 -17.52
CA SER B 422 14.70 -29.84 -17.32
C SER B 422 15.55 -31.17 -17.14
N HIS B 423 16.46 -31.12 -16.17
CA HIS B 423 17.24 -32.33 -15.76
C HIS B 423 17.37 -32.33 -14.23
N CYS B 424 17.27 -31.19 -13.50
CA CYS B 424 17.18 -31.17 -12.10
C CYS B 424 15.94 -31.66 -11.54
N VAL B 425 14.84 -31.38 -12.21
CA VAL B 425 13.58 -31.88 -11.72
C VAL B 425 13.59 -33.36 -11.95
N GLU B 426 14.31 -33.81 -13.03
CA GLU B 426 14.25 -35.20 -13.32
C GLU B 426 15.02 -36.01 -12.45
N TYR B 427 15.86 -35.39 -11.64
CA TYR B 427 16.37 -36.04 -10.51
C TYR B 427 15.23 -35.96 -9.58
N VAL B 428 14.54 -37.03 -9.44
CA VAL B 428 13.31 -36.85 -8.57
C VAL B 428 13.64 -37.01 -7.15
N SER B 429 14.39 -36.08 -6.65
CA SER B 429 14.45 -35.66 -5.34
C SER B 429 14.73 -37.05 -4.61
N LEU B 430 15.77 -37.78 -5.07
CA LEU B 430 15.95 -39.09 -4.48
C LEU B 430 16.23 -38.80 -2.97
N LEU B 431 16.97 -37.74 -2.70
CA LEU B 431 17.10 -37.23 -1.38
C LEU B 431 15.90 -36.68 -0.72
N HIS B 432 14.80 -36.28 -1.46
CA HIS B 432 13.65 -35.48 -1.08
C HIS B 432 13.38 -35.89 0.31
N PRO B 433 13.30 -37.26 0.57
CA PRO B 433 12.81 -37.59 1.85
C PRO B 433 13.74 -37.03 3.01
N ILE B 434 15.03 -37.08 2.90
CA ILE B 434 15.96 -36.61 3.86
C ILE B 434 15.70 -35.17 4.15
N VAL B 435 15.66 -34.30 3.18
CA VAL B 435 15.33 -32.88 3.40
C VAL B 435 14.01 -32.68 3.95
N ALA B 436 13.05 -33.46 3.50
CA ALA B 436 11.70 -33.35 3.97
C ALA B 436 11.57 -33.65 5.41
N ILE B 437 12.37 -34.63 5.93
CA ILE B 437 12.28 -35.05 7.27
C ILE B 437 13.20 -34.26 8.16
N MET B 438 14.21 -33.56 7.59
CA MET B 438 15.27 -33.01 8.35
C MET B 438 14.72 -31.89 9.34
N PRO B 439 13.71 -31.13 8.95
CA PRO B 439 13.15 -30.17 9.95
C PRO B 439 12.38 -30.91 11.12
N ALA B 440 11.80 -32.01 10.82
CA ALA B 440 11.23 -32.94 11.87
C ALA B 440 12.37 -33.69 12.64
N TYR B 441 13.42 -34.02 11.95
CA TYR B 441 14.66 -34.59 12.52
C TYR B 441 15.32 -33.78 13.65
N PHE B 442 15.37 -32.52 13.41
CA PHE B 442 15.96 -31.60 14.42
C PHE B 442 15.09 -31.58 15.71
N ARG B 443 13.81 -31.45 15.43
CA ARG B 443 12.75 -31.84 16.39
C ARG B 443 12.84 -33.05 17.19
N PHE B 444 12.96 -34.16 16.49
CA PHE B 444 13.23 -35.42 17.10
C PHE B 444 14.42 -35.52 17.95
N ALA B 445 15.54 -35.01 17.47
CA ALA B 445 16.77 -35.01 18.21
C ALA B 445 16.63 -34.05 19.44
N GLN B 446 15.91 -32.93 19.35
CA GLN B 446 15.59 -32.16 20.51
C GLN B 446 14.89 -32.81 21.58
N CYS B 447 13.88 -33.53 21.20
CA CYS B 447 13.19 -34.45 22.12
C CYS B 447 13.98 -35.45 22.77
N ILE B 448 14.90 -36.14 22.05
CA ILE B 448 15.87 -37.14 22.59
C ILE B 448 16.76 -36.51 23.64
N ARG B 449 17.34 -35.40 23.32
CA ARG B 449 18.01 -34.47 24.21
C ARG B 449 17.36 -34.15 25.51
N ARG B 450 16.10 -33.68 25.38
CA ARG B 450 15.32 -33.44 26.53
C ARG B 450 15.04 -34.59 27.44
N TYR B 451 14.60 -35.76 26.85
CA TYR B 451 14.56 -37.00 27.54
C TYR B 451 15.88 -37.46 28.25
N ARG B 452 17.02 -37.30 27.55
CA ARG B 452 18.42 -37.48 28.15
C ARG B 452 18.58 -36.66 29.38
N ASP B 453 18.01 -35.42 29.40
CA ASP B 453 18.42 -34.47 30.40
C ASP B 453 17.47 -34.71 31.53
N THR B 454 16.19 -34.62 31.26
CA THR B 454 15.13 -34.81 32.32
C THR B 454 14.72 -36.31 32.31
N LYS B 455 14.79 -36.95 33.44
CA LYS B 455 14.56 -38.36 33.54
C LYS B 455 13.08 -38.71 33.24
N GLU B 456 12.15 -37.79 33.38
CA GLU B 456 10.78 -37.97 33.00
C GLU B 456 10.74 -38.42 31.53
N SER B 457 9.90 -39.45 31.12
CA SER B 457 9.92 -40.04 29.83
C SER B 457 8.61 -39.92 28.95
N PHE B 458 7.45 -39.80 29.52
CA PHE B 458 6.20 -39.52 28.92
C PHE B 458 6.10 -38.45 27.92
N PRO B 459 6.31 -37.20 28.17
CA PRO B 459 5.98 -36.22 27.19
C PRO B 459 6.89 -36.25 26.03
N HIS B 460 8.14 -36.43 26.36
CA HIS B 460 9.17 -36.19 25.33
C HIS B 460 9.20 -37.41 24.52
N LEU B 461 8.98 -38.62 25.12
CA LEU B 461 8.99 -39.90 24.36
C LEU B 461 7.75 -40.01 23.42
N VAL B 462 6.64 -39.55 23.91
CA VAL B 462 5.44 -39.52 23.06
C VAL B 462 5.75 -38.62 21.83
N ASN B 463 6.54 -37.58 22.03
CA ASN B 463 6.44 -36.48 21.09
C ASN B 463 7.48 -37.00 19.97
N ALA B 464 8.52 -37.61 20.48
CA ALA B 464 9.40 -38.43 19.68
C ALA B 464 8.67 -39.42 18.80
N ALA B 465 7.74 -40.18 19.39
CA ALA B 465 7.10 -41.28 18.71
C ALA B 465 6.17 -40.77 17.58
N LYS B 466 5.32 -39.80 17.80
CA LYS B 466 4.86 -38.96 16.76
C LYS B 466 5.85 -38.48 15.67
N TYR B 467 7.07 -37.98 16.02
CA TYR B 467 7.95 -37.59 14.87
C TYR B 467 8.47 -38.80 14.17
N ALA B 468 8.58 -39.88 14.88
CA ALA B 468 8.85 -41.10 14.17
C ALA B 468 7.78 -41.48 13.10
N THR B 469 6.58 -41.32 13.56
CA THR B 469 5.48 -41.60 12.60
C THR B 469 5.52 -40.65 11.44
N SER B 470 6.09 -39.43 11.61
CA SER B 470 6.06 -38.38 10.64
C SER B 470 7.15 -38.88 9.56
N PHE B 471 8.27 -39.42 10.10
CA PHE B 471 9.32 -39.86 9.10
C PHE B 471 8.76 -41.09 8.45
N PHE B 472 8.00 -41.95 9.08
CA PHE B 472 7.28 -42.99 8.39
C PHE B 472 6.39 -42.68 7.30
N VAL B 473 5.55 -41.72 7.50
CA VAL B 473 4.63 -41.29 6.49
C VAL B 473 5.34 -40.77 5.33
N VAL B 474 6.41 -39.94 5.60
CA VAL B 474 7.21 -39.34 4.51
C VAL B 474 7.87 -40.35 3.73
N ILE B 475 8.44 -41.43 4.28
CA ILE B 475 9.23 -42.36 3.51
C ILE B 475 8.26 -43.26 2.86
N PHE B 476 7.23 -43.67 3.58
CA PHE B 476 6.32 -44.55 2.84
C PHE B 476 6.02 -43.80 1.57
N ALA B 477 5.56 -42.58 1.72
CA ALA B 477 5.17 -41.84 0.61
C ALA B 477 5.89 -41.91 -0.62
N HIS B 478 7.18 -41.82 -0.54
CA HIS B 478 7.92 -41.81 -1.70
C HIS B 478 7.62 -43.02 -2.53
N LYS B 479 7.51 -44.12 -1.87
CA LYS B 479 7.27 -45.33 -2.63
C LYS B 479 5.96 -45.34 -3.35
N TYR B 480 4.84 -44.95 -2.78
CA TYR B 480 3.71 -44.69 -3.66
C TYR B 480 3.91 -44.01 -4.92
N HIS B 481 4.50 -42.81 -4.74
CA HIS B 481 4.85 -42.17 -5.95
C HIS B 481 5.76 -43.04 -6.77
N THR B 482 6.68 -43.77 -6.11
CA THR B 482 7.93 -44.30 -6.69
C THR B 482 7.52 -45.47 -7.62
N THR B 483 6.58 -46.19 -7.07
CA THR B 483 6.35 -47.49 -7.64
C THR B 483 5.53 -47.41 -8.93
N THR B 484 6.12 -46.90 -9.97
CA THR B 484 5.32 -46.67 -11.19
C THR B 484 4.98 -48.13 -11.74
N ASP B 485 5.59 -49.21 -11.27
CA ASP B 485 5.38 -50.63 -11.82
C ASP B 485 4.52 -51.31 -10.81
N THR B 486 3.34 -51.84 -11.32
CA THR B 486 2.36 -52.63 -10.64
C THR B 486 1.49 -51.73 -9.79
N TYR B 487 1.80 -50.40 -9.72
CA TYR B 487 0.93 -49.34 -9.38
C TYR B 487 -0.11 -48.85 -10.30
N PRO B 488 -0.09 -49.23 -11.65
CA PRO B 488 -1.25 -48.92 -12.47
C PRO B 488 -2.42 -49.65 -11.78
N LEU B 489 -3.44 -48.87 -11.45
CA LEU B 489 -4.45 -49.00 -10.36
C LEU B 489 -3.93 -48.66 -9.03
N SER B 490 -4.45 -47.44 -8.58
CA SER B 490 -4.14 -47.03 -7.29
C SER B 490 -4.20 -47.92 -6.18
N LYS B 491 -5.34 -48.49 -6.15
CA LYS B 491 -5.87 -49.38 -5.21
C LYS B 491 -4.74 -50.52 -5.12
N GLU B 492 -4.28 -50.93 -6.32
CA GLU B 492 -3.19 -51.93 -6.31
C GLU B 492 -1.99 -51.50 -5.57
N ASN B 493 -1.08 -52.37 -5.14
CA ASN B 493 0.18 -52.01 -4.66
C ASN B 493 -0.13 -51.42 -3.18
N PRO B 494 -0.45 -52.40 -2.35
CA PRO B 494 -0.88 -51.99 -0.97
C PRO B 494 0.04 -51.12 -0.16
N TRP B 495 1.28 -50.89 -0.53
CA TRP B 495 2.06 -49.71 -0.10
C TRP B 495 1.36 -48.36 0.00
N PHE B 496 0.67 -47.94 -1.09
CA PHE B 496 -0.27 -46.88 -0.86
C PHE B 496 -1.26 -46.99 0.18
N TYR B 497 -1.91 -48.08 0.26
CA TYR B 497 -3.01 -48.09 1.32
C TYR B 497 -2.29 -47.95 2.60
N CYS B 498 -1.14 -48.51 2.74
CA CYS B 498 -0.36 -48.40 4.04
C CYS B 498 0.06 -46.98 4.30
N TRP B 499 0.57 -46.34 3.30
CA TRP B 499 0.71 -44.89 3.28
C TRP B 499 -0.41 -44.00 3.72
N ILE B 500 -1.52 -44.22 3.07
CA ILE B 500 -2.75 -43.58 3.62
C ILE B 500 -2.91 -43.79 5.04
N THR B 501 -2.73 -45.07 5.46
CA THR B 501 -3.24 -45.36 6.82
C THR B 501 -2.28 -44.69 7.75
N ALA B 502 -1.00 -44.70 7.39
CA ALA B 502 0.06 -44.09 8.25
C ALA B 502 -0.18 -42.63 8.34
N ALA B 503 -0.59 -42.08 7.23
CA ALA B 503 -0.91 -40.74 7.36
C ALA B 503 -1.96 -40.32 8.33
N ILE B 504 -3.17 -40.99 8.27
CA ILE B 504 -4.32 -40.58 9.03
C ILE B 504 -3.88 -40.76 10.42
N PHE B 505 -3.11 -41.91 10.62
CA PHE B 505 -2.56 -42.09 11.97
C PHE B 505 -1.72 -41.06 12.59
N SER B 506 -0.79 -40.63 11.79
CA SER B 506 0.09 -39.56 12.17
C SER B 506 -0.70 -38.23 12.37
N SER B 507 -1.60 -37.95 11.47
CA SER B 507 -2.43 -36.72 11.55
C SER B 507 -3.20 -36.68 12.83
N CYS B 508 -3.80 -37.79 13.19
CA CYS B 508 -4.75 -37.72 14.35
C CYS B 508 -3.82 -37.67 15.66
N TYR B 509 -2.71 -38.45 15.65
CA TYR B 509 -1.74 -38.38 16.67
C TYR B 509 -1.32 -36.90 16.94
N ALA B 510 -0.92 -36.24 15.94
CA ALA B 510 -0.31 -34.95 16.09
C ALA B 510 -1.34 -33.90 16.42
N TYR B 511 -2.51 -34.05 15.89
CA TYR B 511 -3.75 -33.39 16.38
C TYR B 511 -4.09 -33.35 17.75
N THR B 512 -4.24 -34.60 18.23
CA THR B 512 -4.48 -34.86 19.66
C THR B 512 -3.38 -34.30 20.49
N TRP B 513 -2.09 -34.54 20.06
CA TRP B 513 -0.97 -34.07 20.94
C TRP B 513 -1.04 -32.53 21.16
N ASP B 514 -1.30 -31.77 20.05
CA ASP B 514 -0.99 -30.37 20.15
C ASP B 514 -2.28 -29.79 20.94
N ILE B 515 -3.46 -30.41 20.73
CA ILE B 515 -4.70 -29.78 21.26
C ILE B 515 -4.74 -30.09 22.71
N LYS B 516 -4.11 -31.23 23.10
CA LYS B 516 -4.15 -31.60 24.53
C LYS B 516 -3.07 -31.04 25.29
N MET B 517 -1.83 -30.94 24.82
CA MET B 517 -0.68 -30.45 25.69
C MET B 517 -0.19 -29.12 25.21
N ASP B 518 0.08 -29.01 23.87
CA ASP B 518 0.34 -27.64 23.34
C ASP B 518 -0.44 -26.49 23.82
N TRP B 519 -1.81 -26.68 23.83
CA TRP B 519 -2.58 -25.54 23.95
C TRP B 519 -3.32 -25.82 25.33
N GLY B 520 -3.21 -27.01 25.86
CA GLY B 520 -3.86 -27.35 27.15
C GLY B 520 -5.35 -27.40 27.07
N LEU B 521 -5.93 -27.58 25.89
CA LEU B 521 -7.40 -27.40 25.79
C LEU B 521 -7.96 -28.69 26.31
N PHE B 522 -9.24 -28.80 26.41
CA PHE B 522 -9.97 -29.95 26.89
C PHE B 522 -9.63 -30.24 28.26
N ASP B 523 -10.26 -29.47 29.22
CA ASP B 523 -9.59 -29.41 30.53
C ASP B 523 -10.23 -30.50 31.56
N SER B 524 -9.40 -31.27 32.20
CA SER B 524 -9.71 -32.12 33.30
C SER B 524 -10.17 -31.25 34.40
N LYS B 525 -9.62 -30.04 34.42
CA LYS B 525 -9.72 -29.17 35.63
C LYS B 525 -11.16 -28.63 35.50
N ALA B 526 -11.99 -28.94 34.45
CA ALA B 526 -13.36 -28.80 34.36
C ALA B 526 -13.62 -27.34 34.41
N GLY B 527 -12.76 -26.54 33.72
CA GLY B 527 -13.03 -25.15 33.59
C GLY B 527 -14.35 -24.86 32.94
N ASP B 528 -15.13 -23.87 33.47
CA ASP B 528 -16.40 -23.59 32.97
C ASP B 528 -16.41 -23.21 31.51
N ASN B 529 -15.47 -22.37 31.12
CA ASN B 529 -15.48 -21.93 29.75
C ASN B 529 -15.37 -23.22 28.99
N ARG B 530 -16.09 -23.44 27.97
CA ARG B 530 -16.25 -24.73 27.46
C ARG B 530 -15.07 -25.45 26.82
N PHE B 531 -14.73 -26.59 27.26
CA PHE B 531 -13.72 -27.36 26.73
C PHE B 531 -12.38 -26.77 26.88
N LEU B 532 -12.16 -25.61 27.54
CA LEU B 532 -10.98 -24.90 27.51
C LEU B 532 -10.54 -24.88 28.98
N ARG B 533 -9.41 -24.34 29.26
CA ARG B 533 -8.91 -24.08 30.59
C ARG B 533 -9.67 -23.06 31.29
N GLU B 534 -9.52 -23.01 32.63
CA GLU B 534 -10.36 -22.13 33.54
C GLU B 534 -9.89 -20.75 33.17
N GLU B 535 -8.59 -20.57 32.80
CA GLU B 535 -8.11 -19.18 32.74
C GLU B 535 -7.72 -19.08 31.24
N ILE B 536 -8.21 -18.07 30.58
CA ILE B 536 -7.90 -17.64 29.24
C ILE B 536 -7.42 -16.29 29.09
N VAL B 537 -6.14 -16.05 28.64
CA VAL B 537 -5.57 -14.73 28.59
C VAL B 537 -6.44 -13.95 27.55
N TYR B 538 -6.78 -14.62 26.43
CA TYR B 538 -7.42 -13.91 25.30
C TYR B 538 -8.84 -13.77 25.73
N SER B 539 -9.46 -12.59 25.42
CA SER B 539 -10.78 -12.27 25.89
C SER B 539 -11.79 -13.07 25.17
N SER B 540 -11.43 -13.44 23.91
CA SER B 540 -12.44 -13.96 23.05
C SER B 540 -12.43 -15.47 23.07
N THR B 541 -13.63 -16.14 23.05
CA THR B 541 -13.54 -17.52 23.30
C THR B 541 -13.82 -18.15 21.84
N TRP B 542 -14.32 -17.29 20.99
CA TRP B 542 -14.56 -17.81 19.66
C TRP B 542 -13.08 -18.06 19.18
N PHE B 543 -12.03 -17.29 19.69
CA PHE B 543 -10.71 -17.45 19.11
C PHE B 543 -10.36 -18.86 19.31
N TYR B 544 -10.60 -19.47 20.42
CA TYR B 544 -10.00 -20.74 20.58
C TYR B 544 -10.91 -21.60 19.63
N TYR B 545 -12.19 -21.31 19.63
CA TYR B 545 -13.07 -22.22 18.78
C TYR B 545 -12.65 -22.17 17.28
N PHE B 546 -12.28 -20.96 16.80
CA PHE B 546 -11.57 -20.81 15.56
C PHE B 546 -10.30 -21.58 15.37
N GLY B 547 -9.52 -21.51 16.42
CA GLY B 547 -8.24 -22.19 16.41
C GLY B 547 -8.38 -23.73 16.25
N ILE B 548 -9.35 -24.33 16.99
CA ILE B 548 -9.51 -25.76 17.01
C ILE B 548 -9.83 -26.23 15.63
N ILE B 549 -10.91 -25.67 15.03
CA ILE B 549 -11.28 -25.89 13.66
C ILE B 549 -10.15 -25.75 12.71
N GLU B 550 -9.43 -24.62 12.90
CA GLU B 550 -8.34 -24.32 11.96
C GLU B 550 -7.31 -25.40 11.96
N ASP B 551 -6.90 -25.82 13.14
CA ASP B 551 -5.88 -26.83 13.28
C ASP B 551 -6.36 -28.15 12.76
N LEU B 552 -7.56 -28.59 13.13
CA LEU B 552 -8.22 -29.67 12.44
C LEU B 552 -8.17 -29.73 10.98
N ILE B 553 -8.61 -28.64 10.31
CA ILE B 553 -8.67 -28.61 8.87
C ILE B 553 -7.31 -28.68 8.29
N LEU B 554 -6.40 -27.80 8.75
CA LEU B 554 -5.16 -27.64 8.14
C LEU B 554 -4.08 -28.58 8.39
N ARG B 555 -4.13 -29.11 9.59
CA ARG B 555 -3.32 -30.34 9.83
C ARG B 555 -3.68 -31.60 9.11
N PHE B 556 -5.00 -31.84 8.92
CA PHE B 556 -5.54 -32.70 7.90
C PHE B 556 -5.28 -32.43 6.50
N SER B 557 -4.71 -31.21 6.22
CA SER B 557 -4.64 -30.85 4.85
C SER B 557 -3.83 -31.87 4.04
N TRP B 558 -2.72 -32.40 4.49
CA TRP B 558 -1.96 -33.26 3.66
C TRP B 558 -2.79 -34.59 3.25
N THR B 559 -3.50 -35.15 4.18
CA THR B 559 -4.29 -36.36 3.88
C THR B 559 -5.34 -35.94 2.94
N LEU B 560 -5.80 -34.78 3.20
CA LEU B 560 -6.95 -34.28 2.35
C LEU B 560 -6.35 -33.90 0.95
N SER B 561 -5.01 -33.62 0.87
CA SER B 561 -4.36 -32.86 -0.21
C SER B 561 -4.14 -33.78 -1.34
N MET B 562 -3.78 -35.02 -1.05
CA MET B 562 -3.43 -35.97 -2.22
C MET B 562 -4.59 -36.13 -3.14
N SER B 563 -5.85 -36.13 -2.63
CA SER B 563 -6.89 -36.47 -3.51
C SER B 563 -6.91 -35.74 -4.82
N LEU B 564 -6.69 -34.40 -4.78
CA LEU B 564 -6.66 -33.74 -6.04
C LEU B 564 -5.66 -34.26 -7.03
N ILE B 565 -4.39 -34.49 -6.54
CA ILE B 565 -3.35 -34.94 -7.50
C ILE B 565 -3.80 -36.30 -8.11
N GLU B 566 -4.25 -37.16 -7.23
CA GLU B 566 -4.67 -38.48 -7.61
C GLU B 566 -5.81 -38.44 -8.66
N ALA B 567 -6.67 -37.49 -8.42
CA ALA B 567 -7.90 -37.32 -9.15
C ALA B 567 -7.63 -36.70 -10.54
N GLY B 568 -6.37 -36.38 -10.93
CA GLY B 568 -6.20 -35.82 -12.25
C GLY B 568 -6.50 -34.31 -12.31
N TYR B 569 -6.68 -33.75 -11.16
CA TYR B 569 -6.92 -32.30 -10.96
C TYR B 569 -5.52 -31.64 -10.86
N ILE B 570 -5.39 -30.42 -10.47
CA ILE B 570 -4.10 -29.72 -10.49
C ILE B 570 -3.03 -30.56 -9.91
N GLU B 571 -1.82 -30.63 -10.51
CA GLU B 571 -0.89 -31.66 -10.22
C GLU B 571 0.51 -31.21 -9.71
N GLY B 572 1.20 -32.23 -9.13
CA GLY B 572 2.55 -32.02 -8.82
C GLY B 572 2.86 -31.04 -7.72
N ASP B 573 3.95 -30.26 -7.90
CA ASP B 573 4.48 -29.39 -6.91
C ASP B 573 3.37 -28.44 -6.61
N VAL B 574 2.67 -27.89 -7.59
CA VAL B 574 1.92 -26.70 -7.49
C VAL B 574 1.03 -26.79 -6.13
N MET B 575 0.45 -28.01 -5.84
CA MET B 575 -0.60 -28.16 -4.80
C MET B 575 0.21 -27.89 -3.49
N MET B 576 1.45 -28.25 -3.39
CA MET B 576 2.31 -27.95 -2.21
C MET B 576 2.59 -26.49 -2.11
N THR B 577 2.95 -25.72 -3.24
CA THR B 577 2.81 -24.24 -3.26
C THR B 577 1.62 -23.64 -2.66
N ILE B 578 0.43 -24.10 -3.10
CA ILE B 578 -0.86 -23.51 -2.64
C ILE B 578 -0.99 -23.77 -1.11
N LEU B 579 -0.71 -25.03 -0.69
CA LEU B 579 -0.96 -25.44 0.64
C LEU B 579 -0.04 -24.83 1.64
N SER B 580 1.20 -24.61 1.26
CA SER B 580 2.23 -24.25 2.18
C SER B 580 1.85 -22.89 2.97
N PRO B 581 1.39 -21.84 2.35
CA PRO B 581 1.03 -20.62 3.14
C PRO B 581 -0.06 -20.93 4.20
N LEU B 582 -1.00 -21.89 3.86
CA LEU B 582 -1.97 -22.19 4.82
C LEU B 582 -1.35 -22.89 6.06
N GLU B 583 -0.41 -23.74 5.84
CA GLU B 583 0.35 -24.39 6.94
C GLU B 583 1.05 -23.39 7.76
N VAL B 584 1.64 -22.35 7.10
CA VAL B 584 2.43 -21.38 7.90
C VAL B 584 1.43 -20.60 8.70
N PHE B 585 0.25 -20.23 8.13
CA PHE B 585 -0.74 -19.53 8.90
C PHE B 585 -1.30 -20.21 10.10
N ARG B 586 -1.69 -21.49 9.92
CA ARG B 586 -1.95 -22.33 11.08
C ARG B 586 -0.77 -22.50 12.13
N ARG B 587 0.45 -22.46 11.76
CA ARG B 587 1.56 -22.43 12.73
C ARG B 587 1.58 -21.11 13.52
N PHE B 588 1.39 -20.00 12.82
CA PHE B 588 0.95 -18.83 13.42
C PHE B 588 -0.08 -18.79 14.48
N ILE B 589 -1.14 -19.42 14.17
CA ILE B 589 -2.17 -19.60 15.15
C ILE B 589 -1.69 -20.49 16.31
N TRP B 590 -1.06 -21.56 16.00
CA TRP B 590 -0.53 -22.50 17.04
C TRP B 590 0.54 -21.77 17.89
N ASN B 591 1.19 -20.71 17.29
CA ASN B 591 2.18 -19.99 18.16
C ASN B 591 1.48 -19.14 19.16
N TYR B 592 0.32 -18.49 18.79
CA TYR B 592 -0.55 -17.97 19.70
C TYR B 592 -0.84 -18.86 20.87
N PHE B 593 -1.28 -20.14 20.59
CA PHE B 593 -1.86 -20.91 21.63
C PHE B 593 -0.76 -21.61 22.49
N ARG B 594 0.25 -22.05 21.83
CA ARG B 594 1.36 -22.46 22.64
C ARG B 594 1.96 -21.43 23.66
N LEU B 595 2.12 -20.20 23.23
CA LEU B 595 2.67 -19.23 24.12
C LEU B 595 1.69 -18.88 25.19
N GLU B 596 0.44 -18.88 24.86
CA GLU B 596 -0.57 -18.67 25.84
C GLU B 596 -0.48 -19.71 26.92
N ASN B 597 -0.23 -21.00 26.52
CA ASN B 597 -0.40 -22.11 27.42
C ASN B 597 0.96 -21.99 28.26
N GLU B 598 2.08 -21.62 27.69
CA GLU B 598 3.35 -21.50 28.44
C GLU B 598 3.28 -20.35 29.47
N HIS B 599 2.69 -19.20 29.07
CA HIS B 599 2.52 -18.11 29.92
C HIS B 599 1.71 -18.57 31.14
N LEU B 600 0.70 -19.43 30.85
CA LEU B 600 -0.37 -19.47 31.87
C LEU B 600 0.23 -20.55 32.88
N ASN B 601 1.04 -21.46 32.36
CA ASN B 601 1.78 -22.42 33.20
C ASN B 601 2.82 -21.71 34.04
N ASN B 602 3.40 -20.60 33.49
CA ASN B 602 4.54 -20.11 34.19
C ASN B 602 3.92 -19.15 35.27
N VAL B 603 2.79 -18.54 35.05
CA VAL B 603 2.14 -17.77 36.08
C VAL B 603 1.51 -18.69 37.17
N ALA B 604 1.07 -19.82 36.77
CA ALA B 604 0.64 -20.87 37.73
C ALA B 604 1.71 -21.29 38.65
N LYS B 605 3.01 -21.33 38.11
CA LYS B 605 3.99 -21.89 38.91
C LYS B 605 4.35 -20.68 39.84
N PHE B 606 4.34 -19.42 39.33
CA PHE B 606 4.59 -18.36 40.23
C PHE B 606 3.93 -17.11 39.49
#